data_9F8R
#
_entry.id   9F8R
#
_cell.length_a   69.933
_cell.length_b   69.015
_cell.length_c   83.350
_cell.angle_alpha   90.00
_cell.angle_beta   90.13
_cell.angle_gamma   90.00
#
_symmetry.space_group_name_H-M   'P 1 21 1'
#
loop_
_entity.id
_entity.type
_entity.pdbx_description
1 polymer 'Phenazine biosynthesis protein A/B'
2 non-polymer '2-(N-MORPHOLINO)-ETHANESULFONIC ACID'
3 non-polymer 1,2-ETHANEDIOL
4 non-polymer (4-chlorophenyl)-[2-(4-hydroxyphenyl)-1-benzothiophen-3-yl]methanone
5 non-polymer 'ACETATE ION'
6 water water
#
_entity_poly.entity_id   1
_entity_poly.type   'polypeptide(L)'
_entity_poly.pdbx_seq_one_letter_code
;MGSSHHHHHHSSGLVPRGSHMSDVESLENTSENRAQVAARQHNRKIVEQYMHTRGEARLKRHLLFTEDGVGGLWTTDSGQ
PIAIRGREKLGEHAVWSLQCFPDWVWTDIQIFETQDPNWFWVECRGEGAIVFPGYPRGQYRNHFLHSFRFENGLIKEQRE
FMNPCEQFRSLGIEVPEVRRDGLPS
;
_entity_poly.pdbx_strand_id   A,B,C,D
#
loop_
_chem_comp.id
_chem_comp.type
_chem_comp.name
_chem_comp.formula
A1IAN non-polymer (4-chlorophenyl)-[2-(4-hydroxyphenyl)-1-benzothiophen-3-yl]methanone 'C21 H13 Cl O2 S'
ACT non-polymer 'ACETATE ION' 'C2 H3 O2 -1'
EDO non-polymer 1,2-ETHANEDIOL 'C2 H6 O2'
MES non-polymer '2-(N-MORPHOLINO)-ETHANESULFONIC ACID' 'C6 H13 N O4 S'
#
# COMPACT_ATOMS: atom_id res chain seq x y z
N ARG A 34 25.29 39.36 14.47
CA ARG A 34 23.88 39.73 14.34
C ARG A 34 23.13 38.82 13.37
N ALA A 35 23.74 38.53 12.23
CA ALA A 35 23.10 37.72 11.21
C ALA A 35 22.83 36.30 11.70
N GLN A 36 23.80 35.73 12.43
CA GLN A 36 23.65 34.37 12.96
C GLN A 36 22.61 34.33 14.07
N VAL A 37 22.61 35.32 14.96
CA VAL A 37 21.63 35.31 16.05
C VAL A 37 20.23 35.39 15.49
N ALA A 38 20.01 36.31 14.55
CA ALA A 38 18.69 36.50 13.97
C ALA A 38 18.19 35.21 13.35
N ALA A 39 19.05 34.48 12.64
CA ALA A 39 18.61 33.24 12.03
C ALA A 39 18.14 32.24 13.07
N ARG A 40 18.94 32.04 14.14
CA ARG A 40 18.62 31.02 15.12
C ARG A 40 17.27 31.26 15.80
N GLN A 41 16.96 32.49 16.16
CA GLN A 41 15.67 32.76 16.80
C GLN A 41 14.49 32.43 15.87
N HIS A 42 14.57 32.83 14.61
CA HIS A 42 13.50 32.53 13.69
C HIS A 42 13.38 31.02 13.45
N ASN A 43 14.51 30.37 13.26
CA ASN A 43 14.50 28.94 12.95
C ASN A 43 13.96 28.13 14.12
N ARG A 44 14.26 28.53 15.36
CA ARG A 44 13.69 27.82 16.50
C ARG A 44 12.16 27.86 16.46
N LYS A 45 11.57 29.01 16.08
CA LYS A 45 10.12 29.09 16.00
C LYS A 45 9.57 28.08 15.00
N ILE A 46 10.28 27.87 13.89
CA ILE A 46 9.80 26.93 12.89
C ILE A 46 9.89 25.49 13.42
N VAL A 47 10.96 25.14 14.14
CA VAL A 47 11.07 23.81 14.73
C VAL A 47 9.92 23.55 15.70
N GLU A 48 9.67 24.52 16.58
N GLU A 48 9.65 24.53 16.56
CA GLU A 48 8.54 24.43 17.50
CA GLU A 48 8.54 24.42 17.49
C GLU A 48 7.23 24.20 16.75
C GLU A 48 7.22 24.22 16.75
N GLN A 49 7.00 24.98 15.69
CA GLN A 49 5.77 24.82 14.93
C GLN A 49 5.66 23.41 14.33
N TYR A 50 6.75 22.95 13.70
CA TYR A 50 6.79 21.61 13.11
C TYR A 50 6.42 20.55 14.16
N MET A 51 7.08 20.60 15.32
CA MET A 51 6.87 19.57 16.33
C MET A 51 5.50 19.62 16.97
N HIS A 52 4.82 20.76 16.93
CA HIS A 52 3.48 20.86 17.47
C HIS A 52 2.37 20.77 16.43
N THR A 53 2.70 20.44 15.18
CA THR A 53 1.68 20.34 14.13
C THR A 53 0.94 19.02 14.27
N ARG A 54 -0.37 19.08 14.50
CA ARG A 54 -1.15 17.89 14.77
C ARG A 54 -2.44 17.90 13.96
N GLY A 55 -3.04 16.73 13.80
CA GLY A 55 -4.34 16.67 13.14
C GLY A 55 -4.29 17.17 11.71
N GLU A 56 -5.38 17.84 11.28
CA GLU A 56 -5.48 18.29 9.89
C GLU A 56 -4.42 19.32 9.53
N ALA A 57 -3.86 20.00 10.51
CA ALA A 57 -2.77 20.94 10.23
C ALA A 57 -1.57 20.24 9.62
N ARG A 58 -1.45 18.91 9.77
CA ARG A 58 -0.36 18.21 9.14
C ARG A 58 -0.41 18.33 7.62
N LEU A 59 -1.59 18.60 7.06
CA LEU A 59 -1.69 18.74 5.61
C LEU A 59 -1.01 19.99 5.10
N LYS A 60 -0.69 20.94 5.97
CA LYS A 60 0.01 22.15 5.56
C LYS A 60 1.42 22.23 6.10
N ARG A 61 1.93 21.18 6.74
CA ARG A 61 3.26 21.24 7.34
C ARG A 61 4.35 21.37 6.30
N HIS A 62 4.12 20.93 5.07
CA HIS A 62 5.12 21.07 4.03
C HIS A 62 5.43 22.52 3.71
N LEU A 63 4.55 23.46 4.07
CA LEU A 63 4.86 24.86 3.85
C LEU A 63 5.96 25.39 4.77
N LEU A 64 6.45 24.59 5.73
CA LEU A 64 7.59 24.98 6.54
C LEU A 64 8.92 24.64 5.87
N PHE A 65 8.89 24.04 4.68
CA PHE A 65 10.07 23.63 3.94
C PHE A 65 10.34 24.54 2.74
N THR A 66 11.61 24.54 2.32
CA THR A 66 11.99 25.14 1.05
C THR A 66 11.33 24.37 -0.09
N GLU A 67 11.32 24.97 -1.28
CA GLU A 67 10.69 24.33 -2.43
C GLU A 67 11.33 22.98 -2.72
N ASP A 68 12.65 22.88 -2.55
CA ASP A 68 13.41 21.65 -2.74
C ASP A 68 13.71 20.93 -1.43
N GLY A 69 12.96 21.22 -0.38
CA GLY A 69 13.25 20.62 0.91
C GLY A 69 13.01 19.12 0.92
N VAL A 70 13.72 18.44 1.84
CA VAL A 70 13.70 16.99 1.97
C VAL A 70 13.33 16.65 3.42
N GLY A 71 12.47 15.64 3.58
CA GLY A 71 12.18 15.14 4.90
C GLY A 71 12.05 13.64 4.81
N GLY A 72 12.17 12.97 5.93
CA GLY A 72 11.99 11.53 5.93
C GLY A 72 12.68 10.79 7.06
N LEU A 73 12.64 9.47 6.91
CA LEU A 73 13.07 8.52 7.93
C LEU A 73 14.45 7.95 7.60
N TRP A 74 15.41 8.16 8.49
CA TRP A 74 16.79 7.78 8.19
C TRP A 74 17.14 6.38 8.75
N THR A 75 16.26 5.76 9.53
CA THR A 75 16.51 4.49 10.22
C THR A 75 15.42 3.52 9.81
N THR A 76 15.71 2.64 8.86
CA THR A 76 14.69 1.80 8.27
C THR A 76 15.11 0.34 8.38
N ASP A 77 14.28 -0.55 7.82
CA ASP A 77 14.61 -1.95 7.79
C ASP A 77 15.61 -2.30 6.71
N SER A 78 15.70 -1.47 5.67
CA SER A 78 16.56 -1.74 4.51
C SER A 78 18.00 -1.32 4.74
N GLY A 79 18.25 -0.36 5.63
CA GLY A 79 19.54 0.27 5.75
C GLY A 79 19.68 1.59 5.00
N GLN A 80 18.75 1.91 4.13
CA GLN A 80 18.78 3.18 3.42
C GLN A 80 17.69 4.09 3.93
N PRO A 81 17.89 5.41 3.92
CA PRO A 81 16.79 6.31 4.25
C PRO A 81 15.63 6.20 3.27
N ILE A 82 14.44 6.52 3.77
CA ILE A 82 13.26 6.74 2.96
C ILE A 82 12.98 8.24 3.01
N ALA A 83 13.42 8.95 1.99
CA ALA A 83 13.37 10.40 1.93
C ALA A 83 12.31 10.86 0.94
N ILE A 84 11.55 11.88 1.32
CA ILE A 84 10.54 12.51 0.48
C ILE A 84 11.12 13.84 -0.01
N ARG A 85 11.22 14.00 -1.32
CA ARG A 85 12.02 15.08 -1.92
C ARG A 85 11.12 16.12 -2.59
N GLY A 86 11.09 17.31 -2.02
CA GLY A 86 10.42 18.43 -2.64
C GLY A 86 9.17 18.77 -1.84
N ARG A 87 8.92 20.07 -1.71
CA ARG A 87 7.79 20.51 -0.92
CA ARG A 87 7.80 20.50 -0.91
C ARG A 87 6.49 19.90 -1.42
N GLU A 88 6.33 19.77 -2.75
CA GLU A 88 5.09 19.25 -3.29
C GLU A 88 4.90 17.79 -2.90
N LYS A 89 5.95 16.96 -2.98
CA LYS A 89 5.85 15.55 -2.61
C LYS A 89 5.66 15.38 -1.10
N LEU A 90 6.24 16.29 -0.31
CA LEU A 90 5.99 16.25 1.11
C LEU A 90 4.52 16.48 1.43
N GLY A 91 3.87 17.41 0.73
CA GLY A 91 2.46 17.62 1.00
C GLY A 91 1.63 16.43 0.59
N GLU A 92 2.01 15.77 -0.50
CA GLU A 92 1.29 14.57 -0.93
C GLU A 92 1.47 13.44 0.07
N HIS A 93 2.68 13.31 0.63
CA HIS A 93 2.96 12.27 1.62
CA HIS A 93 2.92 12.24 1.59
C HIS A 93 2.17 12.47 2.90
N ALA A 94 1.86 13.73 3.24
CA ALA A 94 1.12 13.99 4.45
C ALA A 94 -0.29 13.42 4.40
N VAL A 95 -0.88 13.35 3.19
CA VAL A 95 -2.17 12.72 3.00
C VAL A 95 -2.10 11.24 3.39
N TRP A 96 -1.02 10.55 3.00
CA TRP A 96 -0.85 9.15 3.37
C TRP A 96 -0.67 9.03 4.87
N SER A 97 0.16 9.91 5.42
CA SER A 97 0.50 9.88 6.83
C SER A 97 -0.73 10.10 7.70
N LEU A 98 -1.63 11.00 7.29
N LEU A 98 -1.66 10.97 7.29
CA LEU A 98 -2.82 11.24 8.09
CA LEU A 98 -2.85 11.15 8.10
C LEU A 98 -3.76 10.03 8.09
C LEU A 98 -3.77 9.93 8.07
N GLN A 99 -3.65 9.15 7.10
N GLN A 99 -3.69 9.10 7.03
CA GLN A 99 -4.46 7.94 7.08
CA GLN A 99 -4.48 7.88 7.04
C GLN A 99 -3.83 6.81 7.88
C GLN A 99 -3.82 6.83 7.92
N CYS A 100 -2.51 6.67 7.78
CA CYS A 100 -1.81 5.58 8.42
C CYS A 100 -1.35 5.89 9.83
N PHE A 101 -1.21 7.17 10.20
CA PHE A 101 -0.94 7.57 11.59
C PHE A 101 -1.97 8.63 11.97
N PRO A 102 -3.22 8.23 12.14
CA PRO A 102 -4.30 9.22 12.12
C PRO A 102 -4.31 10.16 13.32
N ASP A 103 -3.79 9.76 14.48
CA ASP A 103 -3.82 10.59 15.70
C ASP A 103 -2.43 10.87 16.28
N TRP A 104 -1.42 10.82 15.44
CA TRP A 104 -0.03 10.92 15.91
C TRP A 104 0.25 12.21 16.66
N VAL A 105 0.95 12.07 17.79
CA VAL A 105 1.49 13.23 18.50
C VAL A 105 2.95 12.99 18.86
N TRP A 106 3.71 14.09 18.85
CA TRP A 106 5.05 14.12 19.45
C TRP A 106 4.94 14.64 20.89
N THR A 107 5.69 14.02 21.79
CA THR A 107 5.66 14.34 23.22
C THR A 107 7.09 14.46 23.76
N ASP A 108 7.21 14.98 24.98
CA ASP A 108 8.51 15.09 25.64
C ASP A 108 9.53 15.82 24.76
N ILE A 109 9.09 16.91 24.15
CA ILE A 109 9.92 17.57 23.15
C ILE A 109 11.00 18.41 23.83
N GLN A 110 12.25 18.20 23.43
CA GLN A 110 13.42 18.95 23.88
C GLN A 110 14.14 19.45 22.64
N ILE A 111 14.16 20.78 22.42
CA ILE A 111 14.79 21.36 21.23
C ILE A 111 16.20 21.84 21.57
N PHE A 112 17.19 21.43 20.78
CA PHE A 112 18.58 21.82 20.96
C PHE A 112 19.03 22.74 19.83
N GLU A 113 19.34 23.99 20.18
CA GLU A 113 20.06 24.84 19.25
C GLU A 113 21.50 24.38 19.17
N THR A 114 22.21 24.78 18.12
CA THR A 114 23.63 24.42 18.00
C THR A 114 24.45 25.65 17.61
N GLN A 115 25.77 25.46 17.46
CA GLN A 115 26.65 26.55 17.04
C GLN A 115 26.36 26.98 15.61
N ASP A 116 25.71 26.14 14.83
CA ASP A 116 25.16 26.49 13.51
C ASP A 116 23.75 27.05 13.72
N PRO A 117 23.51 28.33 13.44
CA PRO A 117 22.16 28.88 13.62
C PRO A 117 21.14 28.22 12.72
N ASN A 118 21.62 27.52 11.69
CA ASN A 118 20.70 26.84 10.77
C ASN A 118 20.63 25.34 11.00
N TRP A 119 21.03 24.84 12.18
CA TRP A 119 20.99 23.40 12.46
C TRP A 119 20.52 23.17 13.87
N PHE A 120 19.43 22.41 14.00
CA PHE A 120 18.81 22.10 15.28
C PHE A 120 18.65 20.59 15.43
N TRP A 121 18.65 20.12 16.67
CA TRP A 121 18.35 18.71 16.97
C TRP A 121 17.18 18.70 17.94
N VAL A 122 16.32 17.68 17.83
CA VAL A 122 15.18 17.55 18.72
C VAL A 122 15.19 16.12 19.26
N GLU A 123 15.12 16.00 20.58
CA GLU A 123 14.87 14.72 21.25
C GLU A 123 13.40 14.69 21.68
N CYS A 124 12.69 13.60 21.38
CA CYS A 124 11.29 13.50 21.77
C CYS A 124 10.84 12.04 21.76
N ARG A 125 9.59 11.83 22.16
CA ARG A 125 8.88 10.59 21.91
C ARG A 125 7.72 10.86 20.99
N GLY A 126 7.14 9.80 20.45
CA GLY A 126 5.97 9.94 19.59
C GLY A 126 5.08 8.75 19.81
N GLU A 127 3.78 8.95 19.60
CA GLU A 127 2.85 7.85 19.80
C GLU A 127 1.55 8.06 19.02
N GLY A 128 0.93 6.95 18.66
CA GLY A 128 -0.40 6.97 18.08
C GLY A 128 -0.71 5.65 17.42
N ALA A 129 -1.93 5.57 16.89
CA ALA A 129 -2.31 4.36 16.17
C ALA A 129 -1.46 4.22 14.92
N ILE A 130 -1.18 2.98 14.55
CA ILE A 130 -0.53 2.67 13.29
C ILE A 130 -1.48 1.81 12.47
N VAL A 131 -1.83 2.30 11.28
CA VAL A 131 -2.78 1.67 10.38
C VAL A 131 -2.10 1.41 9.05
N PHE A 132 -1.20 0.44 9.02
CA PHE A 132 -0.36 0.19 7.86
C PHE A 132 -1.04 -0.79 6.92
N PRO A 133 -0.89 -0.60 5.62
CA PRO A 133 -1.51 -1.51 4.65
C PRO A 133 -1.04 -2.95 4.83
N GLY A 134 -2.00 -3.83 5.12
CA GLY A 134 -1.72 -5.25 5.19
C GLY A 134 -1.33 -5.79 6.55
N TYR A 135 -1.39 -4.97 7.60
CA TYR A 135 -1.01 -5.33 8.97
C TYR A 135 -2.18 -5.05 9.88
N PRO A 136 -2.28 -5.77 11.01
CA PRO A 136 -3.35 -5.43 11.96
C PRO A 136 -3.16 -4.02 12.51
N ARG A 137 -4.26 -3.31 12.70
CA ARG A 137 -4.20 -2.03 13.37
C ARG A 137 -3.50 -2.19 14.71
N GLY A 138 -2.65 -1.24 15.05
CA GLY A 138 -1.92 -1.36 16.28
C GLY A 138 -1.71 0.00 16.89
N GLN A 139 -0.94 0.00 17.97
CA GLN A 139 -0.49 1.20 18.67
C GLN A 139 1.03 1.25 18.64
N TYR A 140 1.57 2.38 18.21
CA TYR A 140 3.00 2.56 18.00
C TYR A 140 3.48 3.64 18.95
N ARG A 141 4.55 3.34 19.69
CA ARG A 141 5.21 4.28 20.60
C ARG A 141 6.72 4.13 20.40
N ASN A 142 7.44 5.25 20.32
CA ASN A 142 8.87 5.15 20.11
C ASN A 142 9.54 6.44 20.56
N HIS A 143 10.87 6.34 20.72
CA HIS A 143 11.77 7.45 20.99
C HIS A 143 12.38 7.93 19.68
N PHE A 144 12.50 9.24 19.51
CA PHE A 144 12.96 9.81 18.26
C PHE A 144 14.00 10.89 18.49
N LEU A 145 14.92 10.98 17.54
CA LEU A 145 15.78 12.15 17.35
C LEU A 145 15.50 12.73 15.97
N HIS A 146 15.38 14.08 15.90
CA HIS A 146 15.16 14.76 14.64
C HIS A 146 16.31 15.74 14.38
N SER A 147 16.74 15.82 13.12
CA SER A 147 17.70 16.82 12.65
C SER A 147 16.96 17.77 11.73
N PHE A 148 17.12 19.09 11.97
CA PHE A 148 16.50 20.15 11.16
C PHE A 148 17.61 21.08 10.65
N ARG A 149 17.82 21.13 9.34
CA ARG A 149 18.71 22.10 8.72
C ARG A 149 17.91 23.09 7.90
N PHE A 150 18.27 24.37 8.04
CA PHE A 150 17.53 25.51 7.50
C PHE A 150 18.25 26.22 6.37
N GLU A 151 17.47 26.82 5.48
CA GLU A 151 17.96 27.71 4.43
C GLU A 151 16.96 28.83 4.24
N ASN A 152 17.43 30.07 4.40
CA ASN A 152 16.60 31.25 4.15
C ASN A 152 15.26 31.14 4.85
N GLY A 153 15.28 30.75 6.12
CA GLY A 153 14.11 30.83 6.96
C GLY A 153 13.16 29.64 6.91
N LEU A 154 13.47 28.62 6.14
CA LEU A 154 12.64 27.41 6.09
C LEU A 154 13.49 26.14 6.16
N ILE A 155 12.82 25.02 6.37
CA ILE A 155 13.53 23.73 6.53
C ILE A 155 13.99 23.24 5.17
N LYS A 156 15.30 23.07 5.00
CA LYS A 156 15.91 22.45 3.84
C LYS A 156 16.02 20.92 3.97
N GLU A 157 16.21 20.41 5.18
CA GLU A 157 16.37 18.97 5.38
C GLU A 157 15.90 18.61 6.78
N GLN A 158 14.91 17.74 6.88
CA GLN A 158 14.52 17.16 8.14
C GLN A 158 14.81 15.67 8.06
N ARG A 159 15.41 15.11 9.11
CA ARG A 159 15.72 13.69 9.19
C ARG A 159 15.29 13.17 10.54
N GLU A 160 14.65 12.01 10.54
CA GLU A 160 14.14 11.33 11.74
C GLU A 160 14.90 10.04 11.96
N PHE A 161 15.26 9.80 13.23
CA PHE A 161 16.03 8.64 13.66
C PHE A 161 15.34 7.96 14.82
N MET A 162 15.11 6.66 14.69
CA MET A 162 14.50 5.89 15.75
C MET A 162 15.02 4.45 15.70
N ASN A 163 14.52 3.63 16.62
CA ASN A 163 14.80 2.19 16.64
C ASN A 163 13.70 1.44 15.89
N PRO A 164 13.95 0.91 14.69
CA PRO A 164 12.85 0.28 13.94
C PRO A 164 12.29 -0.96 14.64
N CYS A 165 13.02 -1.56 15.57
CA CYS A 165 12.48 -2.72 16.28
C CYS A 165 11.14 -2.41 16.96
N GLU A 166 10.95 -1.17 17.43
CA GLU A 166 9.68 -0.84 18.08
C GLU A 166 8.56 -0.72 17.07
N GLN A 167 8.87 -0.28 15.85
CA GLN A 167 7.85 -0.23 14.82
C GLN A 167 7.49 -1.65 14.36
N PHE A 168 8.49 -2.54 14.24
CA PHE A 168 8.20 -3.95 13.99
C PHE A 168 7.22 -4.49 15.03
N ARG A 169 7.50 -4.26 16.32
CA ARG A 169 6.60 -4.75 17.38
C ARG A 169 5.17 -4.23 17.19
N SER A 170 5.04 -2.96 16.81
CA SER A 170 3.71 -2.35 16.68
C SER A 170 2.94 -3.00 15.54
N LEU A 171 3.63 -3.55 14.56
CA LEU A 171 3.06 -4.20 13.40
C LEU A 171 2.88 -5.70 13.56
N GLY A 172 3.24 -6.25 14.72
CA GLY A 172 3.20 -7.69 14.92
C GLY A 172 4.32 -8.49 14.27
N ILE A 173 5.39 -7.82 13.85
CA ILE A 173 6.52 -8.46 13.18
C ILE A 173 7.50 -8.91 14.26
N GLU A 174 7.97 -10.15 14.14
CA GLU A 174 8.90 -10.70 15.13
C GLU A 174 10.24 -9.97 15.06
N VAL A 175 10.77 -9.60 16.21
CA VAL A 175 12.05 -8.90 16.31
C VAL A 175 13.11 -9.95 16.61
N PRO A 176 14.18 -10.04 15.84
CA PRO A 176 15.21 -11.02 16.21
C PRO A 176 15.88 -10.59 17.51
N GLU A 177 16.42 -11.59 18.18
CA GLU A 177 17.10 -11.42 19.47
C GLU A 177 18.55 -11.89 19.32
N VAL A 178 19.47 -11.03 19.70
CA VAL A 178 20.88 -11.40 19.81
C VAL A 178 21.04 -12.36 21.01
N ARG A 179 21.66 -13.50 20.77
CA ARG A 179 21.91 -14.45 21.86
C ARG A 179 22.85 -13.85 22.90
N ARG A 180 22.40 -13.76 24.15
N ARG A 180 22.38 -13.81 24.15
CA ARG A 180 23.20 -13.08 25.17
CA ARG A 180 23.06 -13.13 25.23
C ARG A 180 23.77 -14.07 26.19
C ARG A 180 24.00 -14.04 25.99
N ASP A 181 23.82 -15.35 25.85
CA ASP A 181 24.42 -16.32 26.75
C ASP A 181 25.88 -16.01 27.03
N GLY A 182 26.63 -15.63 26.00
CA GLY A 182 28.05 -15.43 26.23
C GLY A 182 28.46 -14.00 26.52
N LEU A 183 27.53 -13.10 26.67
CA LEU A 183 27.74 -11.68 26.93
C LEU A 183 27.65 -11.39 28.41
N PRO A 184 28.43 -10.42 28.92
CA PRO A 184 28.36 -10.12 30.36
C PRO A 184 26.96 -9.71 30.80
N SER A 185 26.58 -10.12 31.99
CA SER A 185 25.26 -9.80 32.55
C SER A 185 25.35 -9.79 34.07
N GLU B 32 28.48 35.25 34.71
CA GLU B 32 27.74 34.01 34.45
C GLU B 32 28.07 33.46 33.06
N ASN B 33 27.96 34.33 32.04
CA ASN B 33 28.28 33.88 30.69
C ASN B 33 29.74 33.42 30.60
N ARG B 34 30.67 34.09 31.29
CA ARG B 34 32.05 33.63 31.27
C ARG B 34 32.19 32.20 31.79
N ALA B 35 31.50 31.88 32.89
CA ALA B 35 31.55 30.53 33.43
C ALA B 35 30.90 29.51 32.49
N GLN B 36 29.77 29.86 31.89
CA GLN B 36 29.15 28.98 30.92
C GLN B 36 30.01 28.81 29.67
N VAL B 37 30.56 29.90 29.16
CA VAL B 37 31.46 29.80 28.01
C VAL B 37 32.62 28.86 28.32
N ALA B 38 33.23 29.04 29.50
CA ALA B 38 34.38 28.20 29.86
C ALA B 38 33.98 26.74 29.97
N ALA B 39 32.83 26.47 30.60
CA ALA B 39 32.38 25.09 30.71
C ALA B 39 32.17 24.48 29.33
N ARG B 40 31.57 25.23 28.39
CA ARG B 40 31.31 24.62 27.09
C ARG B 40 32.61 24.34 26.34
N GLN B 41 33.59 25.25 26.41
CA GLN B 41 34.86 24.98 25.73
C GLN B 41 35.54 23.75 26.33
N HIS B 42 35.54 23.65 27.65
CA HIS B 42 36.17 22.50 28.28
C HIS B 42 35.43 21.21 27.94
N ASN B 43 34.11 21.23 28.01
CA ASN B 43 33.36 20.00 27.74
C ASN B 43 33.53 19.55 26.30
N ARG B 44 33.63 20.50 25.36
CA ARG B 44 33.86 20.13 23.97
C ARG B 44 35.16 19.35 23.83
N LYS B 45 36.21 19.77 24.53
CA LYS B 45 37.49 19.05 24.45
C LYS B 45 37.34 17.62 24.94
N ILE B 46 36.54 17.39 25.97
CA ILE B 46 36.30 16.03 26.46
C ILE B 46 35.52 15.21 25.43
N VAL B 47 34.51 15.81 24.77
CA VAL B 47 33.77 15.07 23.73
C VAL B 47 34.72 14.66 22.61
N GLU B 48 35.57 15.60 22.17
CA GLU B 48 36.56 15.29 21.15
C GLU B 48 37.47 14.16 21.59
N GLN B 49 37.94 14.21 22.85
CA GLN B 49 38.80 13.15 23.34
C GLN B 49 38.08 11.82 23.34
N TYR B 50 36.82 11.81 23.81
CA TYR B 50 36.05 10.56 23.85
C TYR B 50 35.94 9.97 22.46
N MET B 51 35.51 10.78 21.50
CA MET B 51 35.25 10.31 20.15
C MET B 51 36.52 9.84 19.43
N HIS B 52 37.67 10.41 19.75
CA HIS B 52 38.90 9.97 19.09
C HIS B 52 39.66 8.88 19.84
N THR B 53 39.14 8.38 20.97
CA THR B 53 39.79 7.32 21.75
C THR B 53 39.67 5.99 21.01
N ARG B 54 40.81 5.43 20.62
CA ARG B 54 40.84 4.16 19.94
C ARG B 54 41.97 3.30 20.50
N GLY B 55 41.93 2.03 20.14
CA GLY B 55 42.98 1.11 20.53
C GLY B 55 43.03 0.89 22.03
N GLU B 56 44.24 0.66 22.55
CA GLU B 56 44.37 0.39 23.97
C GLU B 56 43.98 1.56 24.87
N ALA B 57 43.98 2.79 24.35
CA ALA B 57 43.49 3.95 25.09
C ALA B 57 42.04 3.77 25.54
N ARG B 58 41.29 2.86 24.93
CA ARG B 58 39.91 2.65 25.35
C ARG B 58 39.84 2.14 26.77
N LEU B 59 40.90 1.51 27.27
CA LEU B 59 40.94 1.03 28.65
C LEU B 59 40.92 2.15 29.68
N LYS B 60 41.17 3.42 29.29
CA LYS B 60 41.15 4.56 30.19
C LYS B 60 40.07 5.58 29.82
N ARG B 61 39.19 5.27 28.87
CA ARG B 61 38.11 6.19 28.51
C ARG B 61 37.18 6.44 29.68
N HIS B 62 37.06 5.49 30.60
CA HIS B 62 36.16 5.68 31.73
C HIS B 62 36.60 6.80 32.67
N LEU B 63 37.87 7.21 32.62
CA LEU B 63 38.31 8.37 33.40
C LEU B 63 37.72 9.69 32.91
N LEU B 64 37.04 9.70 31.77
CA LEU B 64 36.36 10.90 31.30
C LEU B 64 35.00 11.08 31.95
N PHE B 65 34.60 10.17 32.82
CA PHE B 65 33.30 10.20 33.47
C PHE B 65 33.40 10.57 34.96
N THR B 66 32.29 11.09 35.48
CA THR B 66 32.15 11.26 36.91
C THR B 66 32.18 9.87 37.55
N GLU B 67 32.43 9.84 38.87
CA GLU B 67 32.46 8.57 39.59
C GLU B 67 31.17 7.78 39.40
N ASP B 68 30.02 8.45 39.32
CA ASP B 68 28.73 7.79 39.11
C ASP B 68 28.20 7.97 37.69
N GLY B 69 29.07 8.27 36.73
CA GLY B 69 28.62 8.44 35.37
C GLY B 69 28.05 7.16 34.79
N VAL B 70 27.16 7.34 33.81
CA VAL B 70 26.50 6.24 33.11
C VAL B 70 26.80 6.36 31.62
N GLY B 71 27.04 5.22 30.98
CA GLY B 71 27.18 5.19 29.55
C GLY B 71 26.49 3.96 29.00
N GLY B 72 26.09 4.02 27.73
CA GLY B 72 25.67 2.78 27.12
C GLY B 72 24.83 2.98 25.87
N LEU B 73 24.13 1.90 25.52
CA LEU B 73 23.40 1.78 24.25
C LEU B 73 21.90 1.91 24.50
N TRP B 74 21.29 2.94 23.92
CA TRP B 74 19.88 3.24 24.12
C TRP B 74 18.96 2.58 23.10
N THR B 75 19.51 2.01 22.04
CA THR B 75 18.73 1.42 20.96
C THR B 75 19.11 -0.04 20.80
N THR B 76 18.26 -0.94 21.27
CA THR B 76 18.63 -2.36 21.37
C THR B 76 17.53 -3.21 20.73
N ASP B 77 17.74 -4.55 20.72
CA ASP B 77 16.72 -5.42 20.16
C ASP B 77 15.50 -5.49 21.08
N SER B 78 15.71 -5.35 22.39
CA SER B 78 14.71 -5.59 23.42
C SER B 78 13.80 -4.41 23.70
N GLY B 79 14.20 -3.19 23.33
CA GLY B 79 13.47 -2.01 23.67
C GLY B 79 14.01 -1.25 24.87
N GLN B 80 14.76 -1.88 25.68
CA GLN B 80 15.28 -1.20 26.85
C GLN B 80 16.75 -0.87 26.65
N PRO B 81 17.22 0.26 27.17
CA PRO B 81 18.66 0.53 27.08
C PRO B 81 19.49 -0.54 27.79
N ILE B 82 20.70 -0.71 27.33
CA ILE B 82 21.73 -1.47 28.07
C ILE B 82 22.77 -0.47 28.53
N ALA B 83 22.71 -0.13 29.82
CA ALA B 83 23.49 0.95 30.41
C ALA B 83 24.47 0.38 31.42
N ILE B 84 25.68 0.94 31.44
CA ILE B 84 26.74 0.60 32.38
C ILE B 84 26.85 1.76 33.37
N ARG B 85 26.59 1.47 34.64
CA ARG B 85 26.42 2.49 35.68
C ARG B 85 27.64 2.54 36.59
N GLY B 86 28.38 3.64 36.53
CA GLY B 86 29.49 3.86 37.46
C GLY B 86 30.81 3.85 36.71
N ARG B 87 31.72 4.75 37.12
CA ARG B 87 33.02 4.82 36.46
C ARG B 87 33.76 3.49 36.52
N GLU B 88 33.70 2.80 37.65
CA GLU B 88 34.40 1.53 37.78
C GLU B 88 33.84 0.48 36.82
N LYS B 89 32.52 0.30 36.78
CA LYS B 89 31.93 -0.68 35.86
C LYS B 89 32.19 -0.29 34.41
N LEU B 90 32.24 1.01 34.11
CA LEU B 90 32.58 1.41 32.76
C LEU B 90 33.98 0.96 32.38
N GLY B 91 34.94 1.08 33.30
CA GLY B 91 36.27 0.58 33.00
C GLY B 91 36.31 -0.93 32.84
N GLU B 92 35.48 -1.65 33.60
CA GLU B 92 35.45 -3.11 33.44
C GLU B 92 34.80 -3.51 32.12
N HIS B 93 33.74 -2.79 31.69
CA HIS B 93 33.11 -3.06 30.40
C HIS B 93 34.09 -2.84 29.26
N ALA B 94 35.07 -1.96 29.45
CA ALA B 94 36.00 -1.65 28.38
C ALA B 94 36.83 -2.86 28.02
N VAL B 95 37.14 -3.69 29.03
CA VAL B 95 37.88 -4.93 28.81
C VAL B 95 37.09 -5.84 27.88
N TRP B 96 35.78 -5.99 28.13
CA TRP B 96 34.94 -6.76 27.23
C TRP B 96 34.92 -6.16 25.83
N SER B 97 34.75 -4.85 25.74
CA SER B 97 34.66 -4.18 24.45
C SER B 97 35.92 -4.40 23.62
N LEU B 98 37.10 -4.39 24.23
CA LEU B 98 38.29 -4.58 23.44
C LEU B 98 38.36 -5.99 22.85
N GLN B 99 37.65 -6.94 23.45
CA GLN B 99 37.60 -8.29 22.90
C GLN B 99 36.57 -8.41 21.79
N CYS B 100 35.39 -7.85 22.00
CA CYS B 100 34.30 -8.06 21.05
C CYS B 100 34.24 -7.00 19.96
N PHE B 101 34.86 -5.83 20.16
CA PHE B 101 35.01 -4.79 19.12
C PHE B 101 36.48 -4.39 19.10
N PRO B 102 37.34 -5.29 18.63
CA PRO B 102 38.78 -5.13 18.87
C PRO B 102 39.43 -3.93 18.18
N ASP B 103 38.85 -3.41 17.10
CA ASP B 103 39.49 -2.37 16.30
C ASP B 103 38.53 -1.21 15.97
N TRP B 104 37.57 -0.97 16.84
CA TRP B 104 36.51 -0.01 16.58
C TRP B 104 37.06 1.40 16.42
N VAL B 105 36.53 2.14 15.45
N VAL B 105 36.51 2.12 15.44
CA VAL B 105 36.87 3.54 15.28
CA VAL B 105 36.84 3.51 15.17
C VAL B 105 35.62 4.32 14.90
C VAL B 105 35.55 4.28 14.95
N TRP B 106 35.48 5.50 15.50
CA TRP B 106 34.43 6.45 15.13
C TRP B 106 34.97 7.36 14.03
N THR B 107 34.18 7.53 12.96
CA THR B 107 34.54 8.34 11.80
C THR B 107 33.48 9.42 11.56
N ASP B 108 33.81 10.38 10.70
CA ASP B 108 32.84 11.38 10.24
C ASP B 108 32.21 12.11 11.41
N ILE B 109 33.04 12.48 12.37
CA ILE B 109 32.57 13.03 13.64
C ILE B 109 32.14 14.48 13.44
N GLN B 110 30.91 14.78 13.84
CA GLN B 110 30.39 16.14 13.92
C GLN B 110 29.92 16.39 15.35
N ILE B 111 30.52 17.37 16.02
CA ILE B 111 30.14 17.72 17.40
C ILE B 111 29.23 18.94 17.40
N PHE B 112 28.09 18.83 18.06
CA PHE B 112 27.14 19.93 18.22
C PHE B 112 27.12 20.41 19.66
N GLU B 113 27.54 21.65 19.88
CA GLU B 113 27.25 22.34 21.12
C GLU B 113 25.77 22.70 21.14
N THR B 114 25.23 22.96 22.34
CA THR B 114 23.84 23.38 22.45
C THR B 114 23.76 24.60 23.37
N GLN B 115 22.53 25.07 23.61
CA GLN B 115 22.32 26.19 24.51
C GLN B 115 22.62 25.83 25.96
N ASP B 116 22.67 24.53 26.29
CA ASP B 116 23.15 24.01 27.57
C ASP B 116 24.65 23.76 27.47
N PRO B 117 25.49 24.50 28.20
CA PRO B 117 26.95 24.27 28.07
C PRO B 117 27.37 22.88 28.51
N ASN B 118 26.50 22.18 29.21
CA ASN B 118 26.76 20.83 29.69
C ASN B 118 26.06 19.75 28.89
N TRP B 119 25.54 20.06 27.69
CA TRP B 119 24.87 19.04 26.87
C TRP B 119 25.34 19.18 25.44
N PHE B 120 25.89 18.09 24.90
CA PHE B 120 26.41 18.00 23.54
C PHE B 120 25.73 16.84 22.84
N TRP B 121 25.63 16.95 21.51
CA TRP B 121 25.25 15.83 20.65
C TRP B 121 26.35 15.62 19.62
N VAL B 122 26.52 14.37 19.20
CA VAL B 122 27.48 14.02 18.16
C VAL B 122 26.80 13.18 17.10
N GLU B 123 26.99 13.53 15.84
CA GLU B 123 26.63 12.69 14.72
C GLU B 123 27.90 12.10 14.14
N CYS B 124 27.90 10.79 13.91
CA CYS B 124 29.11 10.14 13.41
C CYS B 124 28.76 8.80 12.78
N ARG B 125 29.77 8.17 12.23
CA ARG B 125 29.69 6.77 11.87
C ARG B 125 30.70 6.00 12.68
N GLY B 126 30.57 4.68 12.66
CA GLY B 126 31.51 3.82 13.37
C GLY B 126 31.68 2.52 12.60
N GLU B 127 32.86 1.90 12.78
CA GLU B 127 33.17 0.70 12.04
C GLU B 127 34.21 -0.15 12.76
N GLY B 128 34.11 -1.46 12.59
CA GLY B 128 35.13 -2.36 13.10
C GLY B 128 34.63 -3.78 13.02
N ALA B 129 35.55 -4.71 13.28
CA ALA B 129 35.16 -6.11 13.46
C ALA B 129 34.18 -6.26 14.62
N ILE B 130 33.25 -7.20 14.49
CA ILE B 130 32.39 -7.60 15.59
C ILE B 130 32.65 -9.07 15.86
N VAL B 131 32.95 -9.39 17.11
CA VAL B 131 33.41 -10.73 17.53
C VAL B 131 32.57 -11.14 18.74
N PHE B 132 31.31 -11.50 18.50
CA PHE B 132 30.37 -11.82 19.57
C PHE B 132 30.38 -13.32 19.82
N PRO B 133 30.25 -13.72 21.09
CA PRO B 133 30.27 -15.15 21.42
C PRO B 133 29.19 -15.93 20.68
N GLY B 134 29.60 -16.99 19.99
CA GLY B 134 28.67 -17.88 19.32
C GLY B 134 28.18 -17.39 17.98
N TYR B 135 28.73 -16.30 17.46
CA TYR B 135 28.44 -15.78 16.14
C TYR B 135 29.71 -15.81 15.29
N PRO B 136 29.57 -15.92 13.97
CA PRO B 136 30.73 -15.74 13.10
C PRO B 136 31.31 -14.34 13.25
N ARG B 137 32.63 -14.25 13.19
CA ARG B 137 33.28 -12.94 13.12
C ARG B 137 32.73 -12.17 11.93
N GLY B 138 32.43 -10.88 12.15
CA GLY B 138 31.81 -10.07 11.13
C GLY B 138 32.48 -8.70 11.05
N GLN B 139 32.00 -7.90 10.12
CA GLN B 139 32.42 -6.50 9.97
C GLN B 139 31.18 -5.64 10.17
N TYR B 140 31.21 -4.76 11.16
CA TYR B 140 30.06 -3.96 11.54
C TYR B 140 30.30 -2.51 11.17
N ARG B 141 29.32 -1.90 10.49
CA ARG B 141 29.35 -0.48 10.13
C ARG B 141 28.00 0.10 10.50
N ASN B 142 27.98 1.31 11.06
CA ASN B 142 26.68 1.92 11.36
C ASN B 142 26.83 3.42 11.51
N HIS B 143 25.68 4.10 11.44
CA HIS B 143 25.51 5.51 11.75
C HIS B 143 25.10 5.65 13.21
N PHE B 144 25.68 6.62 13.92
CA PHE B 144 25.38 6.81 15.32
C PHE B 144 25.07 8.26 15.66
N LEU B 145 24.23 8.43 16.68
CA LEU B 145 24.03 9.69 17.39
C LEU B 145 24.41 9.44 18.85
N HIS B 146 25.22 10.35 19.42
CA HIS B 146 25.59 10.29 20.81
C HIS B 146 25.08 11.53 21.55
N SER B 147 24.63 11.33 22.78
CA SER B 147 24.29 12.38 23.72
C SER B 147 25.30 12.37 24.87
N PHE B 148 25.86 13.54 25.19
CA PHE B 148 26.81 13.69 26.30
C PHE B 148 26.31 14.77 27.25
N ARG B 149 26.03 14.40 28.49
CA ARG B 149 25.69 15.35 29.53
C ARG B 149 26.81 15.36 30.56
N PHE B 150 27.21 16.57 30.98
CA PHE B 150 28.38 16.82 31.80
C PHE B 150 27.99 17.35 33.18
N GLU B 151 28.84 17.04 34.15
CA GLU B 151 28.79 17.61 35.49
C GLU B 151 30.22 17.83 35.98
N ASN B 152 30.52 19.07 36.36
CA ASN B 152 31.83 19.46 36.90
C ASN B 152 32.98 19.00 36.01
N GLY B 153 32.83 19.18 34.70
CA GLY B 153 33.95 18.96 33.83
C GLY B 153 34.14 17.53 33.38
N LEU B 154 33.24 16.62 33.76
CA LEU B 154 33.31 15.25 33.28
C LEU B 154 31.93 14.78 32.82
N ILE B 155 31.94 13.64 32.12
CA ILE B 155 30.70 13.07 31.57
C ILE B 155 29.88 12.42 32.68
N LYS B 156 28.66 12.90 32.87
CA LYS B 156 27.69 12.27 33.76
C LYS B 156 26.82 11.24 33.06
N GLU B 157 26.51 11.44 31.78
CA GLU B 157 25.66 10.49 31.05
C GLU B 157 26.02 10.54 29.58
N GLN B 158 26.42 9.40 29.05
CA GLN B 158 26.62 9.20 27.62
C GLN B 158 25.59 8.19 27.14
N ARG B 159 24.90 8.52 26.06
CA ARG B 159 23.97 7.58 25.45
C ARG B 159 24.22 7.52 23.96
N GLU B 160 24.15 6.29 23.45
CA GLU B 160 24.37 5.96 22.05
C GLU B 160 23.08 5.50 21.39
N PHE B 161 22.81 6.03 20.18
CA PHE B 161 21.60 5.70 19.43
C PHE B 161 21.96 5.28 18.00
N MET B 162 21.50 4.09 17.58
CA MET B 162 21.76 3.63 16.23
C MET B 162 20.59 2.77 15.76
N ASN B 163 20.70 2.25 14.52
CA ASN B 163 19.71 1.34 13.99
C ASN B 163 20.17 -0.10 14.18
N PRO B 164 19.56 -0.85 15.11
CA PRO B 164 20.03 -2.22 15.39
C PRO B 164 19.99 -3.14 14.19
N CYS B 165 19.20 -2.81 13.17
CA CYS B 165 19.17 -3.69 12.00
C CYS B 165 20.56 -3.87 11.37
N GLU B 166 21.41 -2.84 11.41
CA GLU B 166 22.74 -3.00 10.82
C GLU B 166 23.62 -3.90 11.68
N GLN B 167 23.39 -3.92 12.98
CA GLN B 167 24.14 -4.83 13.82
C GLN B 167 23.62 -6.25 13.63
N PHE B 168 22.31 -6.46 13.48
CA PHE B 168 21.81 -7.77 13.06
C PHE B 168 22.53 -8.28 11.79
N ARG B 169 22.64 -7.41 10.78
CA ARG B 169 23.25 -7.82 9.52
C ARG B 169 24.71 -8.23 9.73
N SER B 170 25.39 -7.50 10.59
CA SER B 170 26.82 -7.80 10.82
C SER B 170 27.01 -9.16 11.52
N LEU B 171 26.01 -9.65 12.22
CA LEU B 171 26.04 -10.93 12.92
C LEU B 171 25.39 -12.05 12.12
N GLY B 172 24.95 -11.78 10.89
CA GLY B 172 24.29 -12.78 10.09
C GLY B 172 22.88 -13.10 10.50
N ILE B 173 22.25 -12.23 11.27
CA ILE B 173 20.88 -12.40 11.74
C ILE B 173 19.94 -11.79 10.70
N GLU B 174 18.91 -12.54 10.32
CA GLU B 174 17.91 -12.06 9.37
C GLU B 174 17.17 -10.85 9.92
N VAL B 175 17.04 -9.82 9.09
CA VAL B 175 16.32 -8.59 9.41
C VAL B 175 14.92 -8.70 8.81
N PRO B 176 13.85 -8.52 9.59
CA PRO B 176 12.53 -8.57 8.98
C PRO B 176 12.34 -7.38 8.04
N GLU B 177 11.45 -7.60 7.09
CA GLU B 177 11.08 -6.59 6.11
C GLU B 177 9.60 -6.23 6.27
N VAL B 178 9.31 -4.95 6.30
CA VAL B 178 7.93 -4.48 6.25
C VAL B 178 7.47 -4.56 4.80
N ARG B 179 6.36 -5.24 4.57
CA ARG B 179 5.84 -5.37 3.21
C ARG B 179 5.46 -3.99 2.67
N ARG B 180 5.95 -3.66 1.47
N ARG B 180 5.95 -3.67 1.46
CA ARG B 180 5.77 -2.31 0.96
CA ARG B 180 5.79 -2.32 0.94
C ARG B 180 4.79 -2.22 -0.20
C ARG B 180 4.76 -2.22 -0.17
N ASP B 181 4.10 -3.31 -0.54
CA ASP B 181 3.18 -3.29 -1.68
C ASP B 181 2.09 -2.23 -1.54
N GLY B 182 1.54 -2.07 -0.36
CA GLY B 182 0.45 -1.14 -0.16
C GLY B 182 0.88 0.27 0.12
N LEU B 183 2.17 0.54 0.20
CA LEU B 183 2.67 1.87 0.56
C LEU B 183 2.93 2.70 -0.69
N PRO B 184 2.87 4.03 -0.57
CA PRO B 184 3.21 4.87 -1.74
C PRO B 184 4.64 4.59 -2.19
N SER B 185 4.83 4.57 -3.50
CA SER B 185 6.16 4.32 -4.05
C SER B 185 6.21 4.76 -5.51
N GLU C 32 -9.99 22.39 -22.88
CA GLU C 32 -9.89 20.95 -23.11
C GLU C 32 -10.62 20.19 -22.02
N ASN C 33 -10.22 20.43 -20.77
CA ASN C 33 -10.85 19.73 -19.65
C ASN C 33 -12.34 20.07 -19.59
N ARG C 34 -12.71 21.35 -19.74
CA ARG C 34 -14.11 21.72 -19.66
C ARG C 34 -14.98 20.93 -20.65
N ALA C 35 -14.50 20.71 -21.88
CA ALA C 35 -15.26 19.99 -22.87
C ALA C 35 -15.42 18.51 -22.48
N GLN C 36 -14.36 17.91 -21.96
CA GLN C 36 -14.43 16.54 -21.48
C GLN C 36 -15.34 16.43 -20.25
N VAL C 37 -15.24 17.38 -19.32
CA VAL C 37 -16.10 17.35 -18.15
C VAL C 37 -17.56 17.44 -18.56
N ALA C 38 -17.90 18.35 -19.48
CA ALA C 38 -19.27 18.50 -19.93
C ALA C 38 -19.77 17.28 -20.67
N ALA C 39 -18.91 16.67 -21.49
CA ALA C 39 -19.31 15.44 -22.16
C ALA C 39 -19.66 14.36 -21.14
N ARG C 40 -18.77 14.12 -20.16
CA ARG C 40 -19.05 13.07 -19.19
C ARG C 40 -20.35 13.30 -18.44
N GLN C 41 -20.60 14.53 -18.00
CA GLN C 41 -21.84 14.86 -17.30
C GLN C 41 -23.05 14.57 -18.18
N HIS C 42 -22.97 14.92 -19.45
CA HIS C 42 -24.09 14.68 -20.32
C HIS C 42 -24.27 13.19 -20.59
N ASN C 43 -23.18 12.51 -20.89
CA ASN C 43 -23.30 11.07 -21.17
C ASN C 43 -23.84 10.33 -19.96
N ARG C 44 -23.43 10.72 -18.74
CA ARG C 44 -23.98 10.08 -17.56
C ARG C 44 -25.50 10.18 -17.52
N LYS C 45 -26.08 11.32 -17.93
CA LYS C 45 -27.53 11.48 -17.91
C LYS C 45 -28.20 10.54 -18.90
N ILE C 46 -27.54 10.31 -20.04
CA ILE C 46 -28.06 9.35 -21.02
C ILE C 46 -28.01 7.93 -20.46
N VAL C 47 -26.92 7.56 -19.76
CA VAL C 47 -26.87 6.21 -19.18
C VAL C 47 -28.01 6.02 -18.18
N GLU C 48 -28.19 7.02 -17.30
CA GLU C 48 -29.28 6.96 -16.33
C GLU C 48 -30.62 6.80 -17.04
N GLN C 49 -30.82 7.55 -18.12
CA GLN C 49 -32.07 7.45 -18.85
C GLN C 49 -32.24 6.05 -19.44
N TYR C 50 -31.18 5.51 -20.05
CA TYR C 50 -31.24 4.16 -20.62
C TYR C 50 -31.63 3.15 -19.54
N MET C 51 -30.92 3.18 -18.42
CA MET C 51 -31.13 2.20 -17.36
C MET C 51 -32.50 2.33 -16.71
N HIS C 52 -33.12 3.51 -16.74
CA HIS C 52 -34.46 3.67 -16.17
C HIS C 52 -35.60 3.59 -17.18
N THR C 53 -35.32 3.25 -18.43
CA THR C 53 -36.37 3.18 -19.45
C THR C 53 -37.14 1.88 -19.26
N ARG C 54 -38.43 1.99 -18.97
CA ARG C 54 -39.23 0.82 -18.67
C ARG C 54 -40.54 0.87 -19.42
N GLY C 55 -41.19 -0.28 -19.54
CA GLY C 55 -42.53 -0.30 -20.14
C GLY C 55 -42.56 0.13 -21.59
N GLU C 56 -43.66 0.80 -21.99
CA GLU C 56 -43.79 1.27 -23.38
C GLU C 56 -42.69 2.23 -23.80
N ALA C 57 -42.06 2.94 -22.86
CA ALA C 57 -40.94 3.82 -23.20
C ALA C 57 -39.80 3.05 -23.86
N ARG C 58 -39.75 1.74 -23.68
CA ARG C 58 -38.68 1.00 -24.33
C ARG C 58 -38.79 1.05 -25.85
N LEU C 59 -39.98 1.34 -26.39
CA LEU C 59 -40.10 1.46 -27.83
C LEU C 59 -39.37 2.67 -28.38
N LYS C 60 -38.96 3.61 -27.52
CA LYS C 60 -38.23 4.80 -27.93
C LYS C 60 -36.81 4.85 -27.41
N ARG C 61 -36.32 3.78 -26.78
CA ARG C 61 -34.98 3.80 -26.21
C ARG C 61 -33.91 3.85 -27.28
N HIS C 62 -34.22 3.38 -28.49
CA HIS C 62 -33.27 3.43 -29.59
C HIS C 62 -32.91 4.87 -29.96
N LEU C 63 -33.74 5.86 -29.61
CA LEU C 63 -33.39 7.25 -29.87
C LEU C 63 -32.24 7.73 -28.99
N LEU C 64 -31.80 6.94 -28.02
CA LEU C 64 -30.59 7.23 -27.24
C LEU C 64 -29.32 6.83 -27.94
N PHE C 65 -29.40 6.26 -29.13
CA PHE C 65 -28.26 5.81 -29.90
C PHE C 65 -27.98 6.71 -31.12
N THR C 66 -26.73 6.67 -31.58
CA THR C 66 -26.39 7.21 -32.89
C THR C 66 -27.10 6.41 -33.99
N GLU C 67 -27.19 7.01 -35.19
CA GLU C 67 -27.87 6.35 -36.30
C GLU C 67 -27.24 4.98 -36.61
N ASP C 68 -25.92 4.86 -36.45
CA ASP C 68 -25.23 3.61 -36.69
C ASP C 68 -24.86 2.89 -35.39
N GLY C 69 -25.54 3.21 -34.30
CA GLY C 69 -25.24 2.59 -33.03
C GLY C 69 -25.56 1.11 -32.98
N VAL C 70 -24.87 0.41 -32.09
CA VAL C 70 -24.96 -1.04 -31.91
C VAL C 70 -25.30 -1.32 -30.46
N GLY C 71 -26.19 -2.29 -30.25
CA GLY C 71 -26.46 -2.78 -28.91
C GLY C 71 -26.65 -4.28 -28.95
N GLY C 72 -26.43 -4.93 -27.81
CA GLY C 72 -26.84 -6.32 -27.73
C GLY C 72 -26.16 -7.10 -26.61
N LEU C 73 -26.25 -8.41 -26.76
CA LEU C 73 -25.83 -9.36 -25.74
C LEU C 73 -24.50 -10.02 -26.11
N TRP C 74 -23.47 -9.80 -25.31
CA TRP C 74 -22.14 -10.29 -25.61
C TRP C 74 -21.86 -11.68 -25.00
N THR C 75 -22.73 -12.20 -24.16
CA THR C 75 -22.51 -13.49 -23.49
C THR C 75 -23.68 -14.41 -23.81
N THR C 76 -23.49 -15.36 -24.73
CA THR C 76 -24.56 -16.18 -25.27
C THR C 76 -24.20 -17.65 -25.10
N ASP C 77 -25.12 -18.53 -25.50
CA ASP C 77 -24.85 -19.96 -25.39
C ASP C 77 -23.82 -20.41 -26.42
N SER C 78 -23.81 -19.80 -27.60
CA SER C 78 -22.96 -20.20 -28.70
C SER C 78 -21.54 -19.64 -28.64
N GLY C 79 -21.29 -18.59 -27.87
CA GLY C 79 -19.98 -17.97 -27.82
C GLY C 79 -19.82 -16.69 -28.63
N GLN C 80 -20.75 -16.39 -29.50
CA GLN C 80 -20.65 -15.16 -30.26
C GLN C 80 -21.69 -14.15 -29.77
N PRO C 81 -21.39 -12.85 -29.85
CA PRO C 81 -22.42 -11.88 -29.50
C PRO C 81 -23.62 -11.96 -30.43
N ILE C 82 -24.77 -11.58 -29.88
CA ILE C 82 -25.97 -11.27 -30.65
C ILE C 82 -26.15 -9.76 -30.58
N ALA C 83 -25.72 -9.08 -31.66
CA ALA C 83 -25.67 -7.63 -31.72
C ALA C 83 -26.68 -7.13 -32.74
N ILE C 84 -27.33 -6.03 -32.37
CA ILE C 84 -28.34 -5.36 -33.21
C ILE C 84 -27.71 -4.07 -33.73
N ARG C 85 -27.63 -3.95 -35.05
CA ARG C 85 -26.80 -2.94 -35.70
C ARG C 85 -27.67 -1.90 -36.38
N GLY C 86 -27.72 -0.71 -35.76
CA GLY C 86 -28.33 0.44 -36.38
C GLY C 86 -29.51 0.91 -35.56
N ARG C 87 -29.69 2.24 -35.47
CA ARG C 87 -30.77 2.74 -34.64
C ARG C 87 -32.12 2.17 -35.07
N GLU C 88 -32.37 2.10 -36.38
CA GLU C 88 -33.66 1.60 -36.85
C GLU C 88 -33.87 0.15 -36.43
N LYS C 89 -32.84 -0.69 -36.58
CA LYS C 89 -32.96 -2.10 -36.20
C LYS C 89 -33.12 -2.26 -34.69
N LEU C 90 -32.47 -1.39 -33.92
CA LEU C 90 -32.68 -1.40 -32.48
C LEU C 90 -34.14 -1.09 -32.14
N GLY C 91 -34.75 -0.12 -32.82
CA GLY C 91 -36.14 0.14 -32.53
C GLY C 91 -37.07 -1.02 -32.91
N GLU C 92 -36.74 -1.72 -34.00
CA GLU C 92 -37.52 -2.88 -34.38
C GLU C 92 -37.38 -4.02 -33.38
N HIS C 93 -36.17 -4.22 -32.82
CA HIS C 93 -35.95 -5.26 -31.83
C HIS C 93 -36.73 -5.01 -30.56
N ALA C 94 -36.96 -3.74 -30.23
CA ALA C 94 -37.66 -3.43 -29.00
C ALA C 94 -39.08 -3.96 -29.02
N VAL C 95 -39.68 -4.04 -30.22
CA VAL C 95 -41.01 -4.61 -30.38
C VAL C 95 -41.01 -6.04 -29.88
N TRP C 96 -39.97 -6.80 -30.24
CA TRP C 96 -39.86 -8.18 -29.80
C TRP C 96 -39.60 -8.23 -28.31
N SER C 97 -38.66 -7.40 -27.84
CA SER C 97 -38.28 -7.35 -26.43
C SER C 97 -39.49 -7.13 -25.53
N LEU C 98 -40.38 -6.23 -25.92
CA LEU C 98 -41.54 -5.96 -25.07
C LEU C 98 -42.48 -7.14 -24.98
N GLN C 99 -42.48 -8.03 -25.98
CA GLN C 99 -43.32 -9.21 -25.90
C GLN C 99 -42.67 -10.31 -25.07
N CYS C 100 -41.37 -10.49 -25.22
CA CYS C 100 -40.68 -11.58 -24.58
C CYS C 100 -40.18 -11.26 -23.18
N PHE C 101 -39.99 -9.99 -22.87
CA PHE C 101 -39.66 -9.53 -21.51
C PHE C 101 -40.62 -8.40 -21.15
N PRO C 102 -41.87 -8.75 -20.87
CA PRO C 102 -42.91 -7.73 -20.85
C PRO C 102 -42.85 -6.74 -19.69
N ASP C 103 -42.24 -7.11 -18.55
CA ASP C 103 -42.20 -6.24 -17.37
C ASP C 103 -40.77 -6.03 -16.88
N TRP C 104 -39.78 -6.15 -17.75
CA TRP C 104 -38.38 -6.08 -17.34
C TRP C 104 -38.01 -4.79 -16.64
N VAL C 105 -37.24 -4.94 -15.56
CA VAL C 105 -36.63 -3.81 -14.87
C VAL C 105 -35.17 -4.11 -14.56
N TRP C 106 -34.35 -3.05 -14.62
CA TRP C 106 -33.01 -3.02 -14.07
C TRP C 106 -33.06 -2.44 -12.65
N THR C 107 -32.36 -3.10 -11.72
CA THR C 107 -32.35 -2.73 -10.31
C THR C 107 -30.89 -2.68 -9.81
N ASP C 108 -30.70 -2.11 -8.61
CA ASP C 108 -29.37 -2.06 -7.97
C ASP C 108 -28.35 -1.43 -8.92
N ILE C 109 -28.73 -0.32 -9.52
CA ILE C 109 -27.95 0.26 -10.60
C ILE C 109 -26.79 1.06 -10.00
N GLN C 110 -25.58 0.76 -10.47
CA GLN C 110 -24.37 1.49 -10.11
C GLN C 110 -23.69 1.92 -11.39
N ILE C 111 -23.57 3.24 -11.59
CA ILE C 111 -22.98 3.77 -12.81
C ILE C 111 -21.54 4.16 -12.53
N PHE C 112 -20.63 3.70 -13.37
CA PHE C 112 -19.21 4.02 -13.24
C PHE C 112 -18.77 4.90 -14.41
N GLU C 113 -18.40 6.14 -14.12
CA GLU C 113 -17.63 6.94 -15.04
C GLU C 113 -16.24 6.35 -15.19
N THR C 114 -15.53 6.74 -16.25
CA THR C 114 -14.13 6.32 -16.42
C THR C 114 -13.28 7.50 -16.85
N GLN C 115 -11.99 7.24 -17.09
CA GLN C 115 -11.07 8.29 -17.53
C GLN C 115 -11.41 8.74 -18.96
N ASP C 116 -12.17 7.94 -19.69
CA ASP C 116 -12.71 8.26 -20.99
C ASP C 116 -14.10 8.88 -20.81
N PRO C 117 -14.29 10.18 -21.08
CA PRO C 117 -15.60 10.79 -20.84
C PRO C 117 -16.68 10.14 -21.68
N ASN C 118 -16.28 9.40 -22.71
CA ASN C 118 -17.22 8.72 -23.59
C ASN C 118 -17.34 7.21 -23.32
N TRP C 119 -16.89 6.72 -22.16
CA TRP C 119 -17.00 5.28 -21.86
C TRP C 119 -17.45 5.13 -20.41
N PHE C 120 -18.57 4.44 -20.22
CA PHE C 120 -19.13 4.15 -18.91
C PHE C 120 -19.33 2.64 -18.77
N TRP C 121 -19.31 2.17 -17.53
CA TRP C 121 -19.71 0.80 -17.19
C TRP C 121 -20.82 0.91 -16.17
N VAL C 122 -21.75 -0.05 -16.21
CA VAL C 122 -22.83 -0.15 -15.24
C VAL C 122 -22.83 -1.56 -14.67
N GLU C 123 -22.92 -1.66 -13.35
CA GLU C 123 -23.20 -2.92 -12.66
C GLU C 123 -24.64 -2.84 -12.17
N CYS C 124 -25.45 -3.86 -12.47
CA CYS C 124 -26.81 -3.88 -11.96
C CYS C 124 -27.33 -5.30 -11.92
N ARG C 125 -28.57 -5.44 -11.50
CA ARG C 125 -29.33 -6.66 -11.64
C ARG C 125 -30.51 -6.38 -12.54
N GLY C 126 -31.17 -7.44 -12.97
CA GLY C 126 -32.36 -7.28 -13.82
C GLY C 126 -33.30 -8.43 -13.54
N GLU C 127 -34.60 -8.17 -13.68
CA GLU C 127 -35.54 -9.24 -13.45
C GLU C 127 -36.84 -8.98 -14.19
N GLY C 128 -37.54 -10.07 -14.48
CA GLY C 128 -38.84 -9.96 -15.13
C GLY C 128 -39.28 -11.31 -15.64
N ALA C 129 -40.55 -11.36 -16.03
CA ALA C 129 -41.05 -12.54 -16.73
C ALA C 129 -40.25 -12.76 -18.01
N ILE C 130 -40.03 -14.04 -18.36
CA ILE C 130 -39.45 -14.41 -19.65
C ILE C 130 -40.47 -15.25 -20.41
N VAL C 131 -40.78 -14.81 -21.63
CA VAL C 131 -41.82 -15.42 -22.47
C VAL C 131 -41.23 -15.73 -23.83
N PHE C 132 -40.41 -16.78 -23.91
CA PHE C 132 -39.72 -17.11 -25.14
C PHE C 132 -40.54 -18.12 -25.93
N PRO C 133 -40.57 -18.03 -27.27
CA PRO C 133 -41.37 -19.00 -28.04
C PRO C 133 -40.96 -20.45 -27.80
N GLY C 134 -41.97 -21.28 -27.52
CA GLY C 134 -41.73 -22.71 -27.37
C GLY C 134 -41.16 -23.13 -26.04
N TYR C 135 -41.07 -22.22 -25.07
CA TYR C 135 -40.67 -22.53 -23.72
C TYR C 135 -41.80 -22.13 -22.78
N PRO C 136 -41.90 -22.76 -21.62
CA PRO C 136 -42.90 -22.31 -20.65
C PRO C 136 -42.56 -20.91 -20.16
N ARG C 137 -43.61 -20.12 -19.93
N ARG C 137 -43.60 -20.12 -19.91
CA ARG C 137 -43.44 -18.84 -19.26
CA ARG C 137 -43.44 -18.83 -19.26
C ARG C 137 -42.63 -19.03 -17.98
C ARG C 137 -42.69 -18.99 -17.95
N GLY C 138 -41.70 -18.11 -17.74
CA GLY C 138 -40.84 -18.20 -16.58
C GLY C 138 -40.57 -16.85 -15.97
N GLN C 139 -39.77 -16.88 -14.90
CA GLN C 139 -39.25 -15.69 -14.22
C GLN C 139 -37.73 -15.75 -14.31
N TYR C 140 -37.13 -14.67 -14.81
CA TYR C 140 -35.71 -14.56 -15.08
C TYR C 140 -35.14 -13.47 -14.18
N ARG C 141 -34.06 -13.80 -13.47
CA ARG C 141 -33.30 -12.89 -12.62
C ARG C 141 -31.84 -13.09 -12.96
N ASN C 142 -31.07 -12.00 -13.13
CA ASN C 142 -29.65 -12.17 -13.35
C ASN C 142 -28.89 -10.92 -12.92
N HIS C 143 -27.58 -11.09 -12.82
CA HIS C 143 -26.63 -10.00 -12.62
C HIS C 143 -26.03 -9.59 -13.95
N PHE C 144 -25.88 -8.25 -14.17
CA PHE C 144 -25.43 -7.75 -15.44
C PHE C 144 -24.32 -6.72 -15.28
N LEU C 145 -23.41 -6.71 -16.24
CA LEU C 145 -22.52 -5.60 -16.52
C LEU C 145 -22.83 -5.04 -17.91
N HIS C 146 -22.92 -3.71 -18.01
CA HIS C 146 -23.14 -3.03 -19.29
C HIS C 146 -21.96 -2.13 -19.60
N SER C 147 -21.57 -2.09 -20.86
CA SER C 147 -20.58 -1.15 -21.39
C SER C 147 -21.29 -0.19 -22.32
N PHE C 148 -21.08 1.12 -22.11
CA PHE C 148 -21.68 2.17 -22.94
C PHE C 148 -20.57 3.05 -23.50
N ARG C 149 -20.41 3.07 -24.82
CA ARG C 149 -19.51 3.99 -25.49
C ARG C 149 -20.31 4.99 -26.29
N PHE C 150 -19.90 6.24 -26.23
CA PHE C 150 -20.62 7.39 -26.75
C PHE C 150 -19.90 8.09 -27.88
N GLU C 151 -20.69 8.74 -28.73
CA GLU C 151 -20.22 9.61 -29.81
C GLU C 151 -21.20 10.76 -29.95
N ASN C 152 -20.70 11.98 -29.80
CA ASN C 152 -21.50 13.20 -29.95
C ASN C 152 -22.79 13.12 -29.15
N GLY C 153 -22.69 12.69 -27.91
CA GLY C 153 -23.78 12.81 -26.98
C GLY C 153 -24.83 11.72 -27.06
N LEU C 154 -24.65 10.71 -27.91
CA LEU C 154 -25.48 9.50 -27.89
C LEU C 154 -24.64 8.21 -27.87
N ILE C 155 -25.34 7.11 -27.60
CA ILE C 155 -24.69 5.80 -27.47
C ILE C 155 -24.30 5.27 -28.85
N LYS C 156 -23.01 5.00 -29.04
CA LYS C 156 -22.50 4.34 -30.22
C LYS C 156 -22.40 2.82 -30.05
N GLU C 157 -22.18 2.35 -28.84
CA GLU C 157 -22.07 0.90 -28.62
C GLU C 157 -22.51 0.58 -27.20
N GLN C 158 -23.53 -0.24 -27.07
CA GLN C 158 -23.93 -0.82 -25.79
C GLN C 158 -23.70 -2.32 -25.86
N ARG C 159 -23.08 -2.86 -24.82
CA ARG C 159 -22.84 -4.29 -24.73
C ARG C 159 -23.25 -4.72 -23.32
N GLU C 160 -23.96 -5.85 -23.28
CA GLU C 160 -24.46 -6.50 -22.06
C GLU C 160 -23.74 -7.81 -21.86
N PHE C 161 -23.33 -8.04 -20.60
CA PHE C 161 -22.58 -9.23 -20.16
C PHE C 161 -23.25 -9.84 -18.93
N MET C 162 -23.56 -11.16 -19.02
CA MET C 162 -24.22 -11.84 -17.92
C MET C 162 -23.74 -13.30 -17.91
N ASN C 163 -24.23 -14.05 -16.93
CA ASN C 163 -24.02 -15.50 -16.91
C ASN C 163 -25.20 -16.24 -17.56
N PRO C 164 -25.03 -16.82 -18.77
CA PRO C 164 -26.18 -17.43 -19.46
C PRO C 164 -26.79 -18.62 -18.73
N CYS C 165 -26.09 -19.15 -17.73
CA CYS C 165 -26.63 -20.27 -16.96
C CYS C 165 -27.91 -19.89 -16.24
N GLU C 166 -28.05 -18.62 -15.83
CA GLU C 166 -29.26 -18.22 -15.13
C GLU C 166 -30.42 -18.08 -16.09
N GLN C 167 -30.13 -17.73 -17.34
CA GLN C 167 -31.20 -17.68 -18.35
C GLN C 167 -31.62 -19.09 -18.74
N PHE C 168 -30.67 -20.04 -18.80
CA PHE C 168 -31.06 -21.44 -19.00
C PHE C 168 -32.02 -21.87 -17.91
N ARG C 169 -31.68 -21.61 -16.64
CA ARG C 169 -32.55 -21.99 -15.53
C ARG C 169 -33.96 -21.42 -15.70
N SER C 170 -34.06 -20.14 -16.10
CA SER C 170 -35.36 -19.50 -16.22
C SER C 170 -36.22 -20.17 -17.30
N LEU C 171 -35.57 -20.79 -18.26
CA LEU C 171 -36.22 -21.45 -19.39
C LEU C 171 -36.47 -22.94 -19.16
N GLY C 172 -36.07 -23.47 -18.00
CA GLY C 172 -36.20 -24.88 -17.72
C GLY C 172 -35.16 -25.77 -18.38
N ILE C 173 -34.05 -25.19 -18.84
CA ILE C 173 -33.01 -25.90 -19.54
C ILE C 173 -31.99 -26.35 -18.51
N GLU C 174 -31.62 -27.63 -18.54
CA GLU C 174 -30.61 -28.15 -17.62
C GLU C 174 -29.25 -27.47 -17.81
N VAL C 175 -28.63 -27.11 -16.69
CA VAL C 175 -27.32 -26.46 -16.67
C VAL C 175 -26.28 -27.54 -16.37
N PRO C 176 -25.25 -27.70 -17.18
CA PRO C 176 -24.23 -28.69 -16.84
C PRO C 176 -23.51 -28.28 -15.56
N GLU C 177 -22.94 -29.28 -14.93
CA GLU C 177 -22.19 -29.13 -13.69
C GLU C 177 -20.79 -29.67 -13.88
N VAL C 178 -19.80 -28.87 -13.53
CA VAL C 178 -18.41 -29.33 -13.44
C VAL C 178 -18.27 -30.20 -12.20
N ARG C 179 -17.79 -31.42 -12.38
CA ARG C 179 -17.57 -32.33 -11.25
C ARG C 179 -16.56 -31.72 -10.27
N ARG C 180 -16.96 -31.68 -8.99
N ARG C 180 -16.93 -31.62 -8.98
CA ARG C 180 -16.25 -30.97 -7.95
CA ARG C 180 -16.05 -30.93 -8.04
C ARG C 180 -15.30 -31.85 -7.12
C ARG C 180 -15.43 -31.87 -6.98
N ASP C 181 -15.45 -33.18 -7.20
CA ASP C 181 -14.80 -34.11 -6.27
C ASP C 181 -13.30 -33.87 -6.15
N GLY C 182 -12.63 -33.62 -7.26
CA GLY C 182 -11.21 -33.40 -7.27
C GLY C 182 -10.75 -32.00 -6.93
N LEU C 183 -11.67 -31.07 -6.74
CA LEU C 183 -11.36 -29.66 -6.54
C LEU C 183 -11.32 -29.33 -5.06
N PRO C 184 -10.54 -28.32 -4.68
CA PRO C 184 -10.52 -27.89 -3.27
C PRO C 184 -11.93 -27.50 -2.83
N SER C 185 -12.31 -27.96 -1.64
CA SER C 185 -13.61 -27.68 -1.07
C SER C 185 -13.40 -27.14 0.34
N ARG D 34 -7.11 15.72 -3.63
CA ARG D 34 -5.76 15.38 -3.20
C ARG D 34 -5.68 13.94 -2.70
N ALA D 35 -6.41 13.67 -1.61
CA ALA D 35 -6.48 12.32 -1.09
C ALA D 35 -7.02 11.34 -2.13
N GLN D 36 -8.11 11.71 -2.81
CA GLN D 36 -8.67 10.86 -3.85
C GLN D 36 -7.68 10.66 -4.98
N VAL D 37 -7.06 11.75 -5.45
CA VAL D 37 -6.11 11.65 -6.56
C VAL D 37 -4.99 10.68 -6.22
N ALA D 38 -4.37 10.84 -5.03
CA ALA D 38 -3.23 10.03 -4.63
C ALA D 38 -3.60 8.56 -4.60
N ALA D 39 -4.72 8.23 -3.95
CA ALA D 39 -5.19 6.86 -3.92
C ALA D 39 -5.32 6.27 -5.32
N ARG D 40 -5.89 7.02 -6.27
CA ARG D 40 -6.17 6.40 -7.57
C ARG D 40 -4.89 5.99 -8.28
N GLN D 41 -3.85 6.83 -8.23
CA GLN D 41 -2.60 6.51 -8.92
C GLN D 41 -1.97 5.25 -8.33
N HIS D 42 -1.91 5.16 -7.01
CA HIS D 42 -1.30 4.00 -6.38
C HIS D 42 -2.08 2.73 -6.72
N ASN D 43 -3.39 2.81 -6.62
CA ASN D 43 -4.24 1.64 -6.85
C ASN D 43 -4.12 1.14 -8.28
N ARG D 44 -4.03 2.06 -9.25
CA ARG D 44 -3.90 1.64 -10.62
C ARG D 44 -2.64 0.79 -10.81
N LYS D 45 -1.56 1.13 -10.11
CA LYS D 45 -0.32 0.38 -10.22
C LYS D 45 -0.53 -1.05 -9.69
N ILE D 46 -1.33 -1.20 -8.64
CA ILE D 46 -1.62 -2.53 -8.11
C ILE D 46 -2.47 -3.34 -9.10
N VAL D 47 -3.47 -2.70 -9.75
CA VAL D 47 -4.27 -3.40 -10.75
C VAL D 47 -3.39 -3.92 -11.88
N GLU D 48 -2.48 -3.06 -12.39
CA GLU D 48 -1.58 -3.47 -13.46
C GLU D 48 -0.71 -4.63 -13.03
N GLN D 49 -0.18 -4.56 -11.83
CA GLN D 49 0.69 -5.64 -11.36
C GLN D 49 -0.09 -6.95 -11.23
N TYR D 50 -1.30 -6.89 -10.65
CA TYR D 50 -2.15 -8.07 -10.59
C TYR D 50 -2.35 -8.67 -11.99
N MET D 51 -2.73 -7.82 -12.96
CA MET D 51 -3.09 -8.33 -14.29
C MET D 51 -1.88 -8.89 -15.04
N HIS D 52 -0.66 -8.43 -14.72
CA HIS D 52 0.53 -8.96 -15.37
C HIS D 52 1.20 -10.10 -14.62
N THR D 53 0.66 -10.51 -13.46
CA THR D 53 1.29 -11.57 -12.65
C THR D 53 1.07 -12.92 -13.31
N ARG D 54 2.17 -13.59 -13.59
CA ARG D 54 2.17 -14.83 -14.34
C ARG D 54 3.19 -15.76 -13.74
N GLY D 55 3.05 -17.04 -14.05
CA GLY D 55 4.05 -18.02 -13.66
C GLY D 55 4.15 -18.16 -12.16
N GLU D 56 5.38 -18.42 -11.68
CA GLU D 56 5.58 -18.64 -10.24
C GLU D 56 5.25 -17.40 -9.40
N ALA D 57 5.25 -16.20 -9.99
CA ALA D 57 4.86 -15.00 -9.26
C ALA D 57 3.42 -15.06 -8.74
N ARG D 58 2.58 -15.91 -9.34
CA ARG D 58 1.22 -16.09 -8.86
C ARG D 58 1.21 -16.58 -7.42
N LEU D 59 2.29 -17.21 -6.95
CA LEU D 59 2.28 -17.69 -5.59
C LEU D 59 2.38 -16.59 -4.57
N LYS D 60 2.72 -15.36 -4.99
CA LYS D 60 2.82 -14.21 -4.09
C LYS D 60 1.77 -13.16 -4.41
N ARG D 61 0.84 -13.43 -5.33
CA ARG D 61 -0.13 -12.42 -5.72
C ARG D 61 -1.07 -12.04 -4.57
N HIS D 62 -1.26 -12.93 -3.60
CA HIS D 62 -2.12 -12.63 -2.46
C HIS D 62 -1.58 -11.50 -1.57
N LEU D 63 -0.30 -11.18 -1.66
CA LEU D 63 0.26 -10.03 -0.93
C LEU D 63 -0.27 -8.69 -1.45
N LEU D 64 -0.97 -8.68 -2.59
CA LEU D 64 -1.61 -7.47 -3.11
C LEU D 64 -2.96 -7.20 -2.47
N PHE D 65 -3.42 -8.09 -1.59
CA PHE D 65 -4.69 -7.99 -0.90
C PHE D 65 -4.54 -7.60 0.57
N THR D 66 -5.62 -7.07 1.12
CA THR D 66 -5.74 -6.86 2.54
C THR D 66 -5.76 -8.21 3.25
N GLU D 67 -5.50 -8.19 4.56
N GLU D 67 -5.51 -8.19 4.57
CA GLU D 67 -5.48 -9.45 5.31
CA GLU D 67 -5.49 -9.44 5.32
C GLU D 67 -6.82 -10.19 5.20
C GLU D 67 -6.82 -10.19 5.20
N ASP D 68 -7.93 -9.45 5.11
CA ASP D 68 -9.26 -10.04 4.99
C ASP D 68 -9.80 -9.89 3.58
N GLY D 69 -8.92 -9.70 2.62
CA GLY D 69 -9.35 -9.54 1.24
C GLY D 69 -10.01 -10.77 0.68
N VAL D 70 -10.88 -10.54 -0.31
CA VAL D 70 -11.66 -11.57 -0.99
C VAL D 70 -11.37 -11.50 -2.49
N GLY D 71 -11.23 -12.68 -3.12
CA GLY D 71 -11.11 -12.76 -4.55
C GLY D 71 -11.89 -13.96 -5.02
N GLY D 72 -12.25 -13.98 -6.29
CA GLY D 72 -12.86 -15.19 -6.79
C GLY D 72 -13.68 -15.00 -8.05
N LEU D 73 -14.45 -16.05 -8.35
CA LEU D 73 -15.20 -16.16 -9.59
C LEU D 73 -16.69 -15.91 -9.34
N TRP D 74 -17.26 -14.87 -9.95
CA TRP D 74 -18.63 -14.49 -9.64
C TRP D 74 -19.65 -15.12 -10.59
N THR D 75 -19.18 -15.76 -11.65
CA THR D 75 -20.01 -16.35 -12.70
C THR D 75 -19.70 -17.84 -12.81
N THR D 76 -20.55 -18.68 -12.25
CA THR D 76 -20.27 -20.12 -12.10
C THR D 76 -21.43 -20.92 -12.69
N ASP D 77 -21.31 -22.25 -12.64
CA ASP D 77 -22.41 -23.10 -13.07
C ASP D 77 -23.55 -23.17 -12.05
N SER D 78 -23.27 -22.88 -10.78
CA SER D 78 -24.22 -23.05 -9.70
C SER D 78 -25.14 -21.85 -9.47
N GLY D 79 -24.76 -20.66 -9.94
CA GLY D 79 -25.54 -19.48 -9.62
C GLY D 79 -25.07 -18.73 -8.40
N GLN D 80 -24.00 -19.20 -7.76
CA GLN D 80 -23.41 -18.51 -6.62
C GLN D 80 -21.93 -18.28 -6.88
N PRO D 81 -21.37 -17.18 -6.40
CA PRO D 81 -19.92 -17.00 -6.53
C PRO D 81 -19.14 -18.08 -5.79
N ILE D 82 -17.95 -18.36 -6.31
CA ILE D 82 -16.93 -19.15 -5.61
C ILE D 82 -15.85 -18.16 -5.19
N ALA D 83 -15.95 -17.74 -3.93
CA ALA D 83 -15.09 -16.70 -3.37
C ALA D 83 -14.07 -17.33 -2.42
N ILE D 84 -12.84 -16.83 -2.50
CA ILE D 84 -11.75 -17.24 -1.60
C ILE D 84 -11.56 -16.09 -0.60
N ARG D 85 -11.74 -16.39 0.68
CA ARG D 85 -11.84 -15.37 1.72
C ARG D 85 -10.59 -15.35 2.59
N GLY D 86 -9.83 -14.27 2.48
CA GLY D 86 -8.75 -14.07 3.40
C GLY D 86 -7.44 -14.21 2.65
N ARG D 87 -6.49 -13.34 3.00
N ARG D 87 -6.49 -13.34 3.00
CA ARG D 87 -5.21 -13.36 2.32
CA ARG D 87 -5.20 -13.36 2.31
C ARG D 87 -4.56 -14.74 2.39
C ARG D 87 -4.54 -14.73 2.40
N GLU D 88 -4.69 -15.43 3.53
CA GLU D 88 -4.04 -16.73 3.67
C GLU D 88 -4.68 -17.78 2.75
N LYS D 89 -6.00 -17.82 2.69
CA LYS D 89 -6.67 -18.76 1.79
C LYS D 89 -6.39 -18.42 0.34
N LEU D 90 -6.26 -17.13 0.01
CA LEU D 90 -5.91 -16.78 -1.36
C LEU D 90 -4.55 -17.33 -1.73
N GLY D 91 -3.56 -17.28 -0.82
CA GLY D 91 -2.27 -17.81 -1.17
C GLY D 91 -2.32 -19.32 -1.34
N GLU D 92 -3.14 -19.99 -0.54
CA GLU D 92 -3.29 -21.44 -0.69
C GLU D 92 -3.97 -21.80 -2.01
N HIS D 93 -5.00 -21.04 -2.41
CA HIS D 93 -5.68 -21.25 -3.69
C HIS D 93 -4.72 -21.08 -4.88
N ALA D 94 -3.72 -20.19 -4.77
CA ALA D 94 -2.80 -20.01 -5.87
C ALA D 94 -2.02 -21.29 -6.18
N VAL D 95 -1.75 -22.09 -5.15
CA VAL D 95 -1.07 -23.36 -5.35
C VAL D 95 -1.90 -24.25 -6.26
N TRP D 96 -3.20 -24.35 -5.98
CA TRP D 96 -4.10 -25.12 -6.85
C TRP D 96 -4.12 -24.55 -8.26
N SER D 97 -4.23 -23.22 -8.36
CA SER D 97 -4.30 -22.57 -9.66
C SER D 97 -3.10 -22.89 -10.53
N LEU D 98 -1.90 -22.91 -9.94
CA LEU D 98 -0.72 -23.17 -10.73
C LEU D 98 -0.66 -24.60 -11.26
N GLN D 99 -1.41 -25.54 -10.64
CA GLN D 99 -1.49 -26.89 -11.17
C GLN D 99 -2.58 -27.00 -12.24
N CYS D 100 -3.75 -26.38 -12.04
CA CYS D 100 -4.84 -26.57 -12.98
C CYS D 100 -4.91 -25.54 -14.08
N PHE D 101 -4.29 -24.37 -13.92
CA PHE D 101 -4.13 -23.36 -14.97
C PHE D 101 -2.64 -23.03 -15.05
N PRO D 102 -1.82 -23.98 -15.50
CA PRO D 102 -0.37 -23.86 -15.27
C PRO D 102 0.31 -22.73 -16.03
N ASP D 103 -0.24 -22.26 -17.15
CA ASP D 103 0.41 -21.23 -17.98
C ASP D 103 -0.53 -20.06 -18.29
N TRP D 104 -1.45 -19.78 -17.39
CA TRP D 104 -2.48 -18.77 -17.64
C TRP D 104 -1.86 -17.40 -17.84
N VAL D 105 -2.34 -16.69 -18.86
CA VAL D 105 -1.98 -15.30 -19.17
C VAL D 105 -3.27 -14.49 -19.36
N TRP D 106 -3.29 -13.27 -18.80
CA TRP D 106 -4.29 -12.26 -19.16
C TRP D 106 -3.76 -11.40 -20.31
N THR D 107 -4.59 -11.19 -21.33
CA THR D 107 -4.23 -10.44 -22.53
C THR D 107 -5.23 -9.33 -22.80
N ASP D 108 -4.91 -8.43 -23.74
CA ASP D 108 -5.86 -7.40 -24.20
C ASP D 108 -6.39 -6.59 -23.02
N ILE D 109 -5.50 -6.22 -22.11
CA ILE D 109 -5.88 -5.61 -20.84
C ILE D 109 -6.22 -4.13 -21.05
N GLN D 110 -7.43 -3.75 -20.64
CA GLN D 110 -7.86 -2.38 -20.58
C GLN D 110 -8.31 -2.07 -19.15
N ILE D 111 -7.65 -1.09 -18.52
CA ILE D 111 -7.96 -0.72 -17.16
C ILE D 111 -8.82 0.53 -17.16
N PHE D 112 -9.92 0.49 -16.41
CA PHE D 112 -10.82 1.64 -16.27
C PHE D 112 -10.79 2.17 -14.83
N GLU D 113 -10.33 3.41 -14.68
CA GLU D 113 -10.55 4.15 -13.44
C GLU D 113 -12.01 4.56 -13.34
N THR D 114 -12.47 4.85 -12.14
CA THR D 114 -13.85 5.33 -11.97
C THR D 114 -13.85 6.58 -11.10
N GLN D 115 -15.05 7.09 -10.80
CA GLN D 115 -15.15 8.27 -9.95
C GLN D 115 -14.80 7.95 -8.51
N ASP D 116 -14.80 6.66 -8.15
CA ASP D 116 -14.31 6.18 -6.85
C ASP D 116 -12.84 5.82 -7.01
N PRO D 117 -11.92 6.53 -6.33
CA PRO D 117 -10.49 6.25 -6.51
C PRO D 117 -10.12 4.85 -6.04
N ASN D 118 -11.01 4.21 -5.29
CA ASN D 118 -10.78 2.86 -4.77
C ASN D 118 -11.55 1.78 -5.53
N TRP D 119 -12.02 2.05 -6.75
CA TRP D 119 -12.77 1.05 -7.52
C TRP D 119 -12.37 1.15 -8.98
N PHE D 120 -11.90 0.03 -9.52
CA PHE D 120 -11.44 -0.10 -10.89
C PHE D 120 -12.14 -1.26 -11.55
N TRP D 121 -12.33 -1.18 -12.88
CA TRP D 121 -12.81 -2.28 -13.68
C TRP D 121 -11.77 -2.59 -14.74
N VAL D 122 -11.65 -3.86 -15.11
CA VAL D 122 -10.72 -4.27 -16.14
C VAL D 122 -11.49 -5.10 -17.15
N GLU D 123 -11.35 -4.78 -18.43
CA GLU D 123 -11.78 -5.66 -19.50
C GLU D 123 -10.55 -6.31 -20.13
N CYS D 124 -10.61 -7.63 -20.35
CA CYS D 124 -9.47 -8.34 -20.87
C CYS D 124 -9.91 -9.69 -21.45
N ARG D 125 -8.95 -10.40 -22.00
CA ARG D 125 -9.12 -11.81 -22.32
C ARG D 125 -8.12 -12.62 -21.52
N GLY D 126 -8.28 -13.94 -21.53
CA GLY D 126 -7.35 -14.79 -20.84
C GLY D 126 -7.24 -16.08 -21.61
N GLU D 127 -6.09 -16.75 -21.47
CA GLU D 127 -5.84 -17.99 -22.17
C GLU D 127 -4.82 -18.87 -21.45
N GLY D 128 -5.01 -20.19 -21.58
CA GLY D 128 -4.03 -21.13 -21.12
C GLY D 128 -4.62 -22.53 -21.11
N ALA D 129 -3.76 -23.48 -20.80
CA ALA D 129 -4.20 -24.86 -20.60
C ALA D 129 -5.12 -24.96 -19.40
N ILE D 130 -6.11 -25.83 -19.48
CA ILE D 130 -7.00 -26.16 -18.37
C ILE D 130 -6.79 -27.65 -18.06
N VAL D 131 -6.42 -27.93 -16.82
CA VAL D 131 -6.02 -29.26 -16.37
C VAL D 131 -6.83 -29.57 -15.13
N PHE D 132 -8.15 -29.82 -15.30
CA PHE D 132 -9.05 -30.06 -14.19
C PHE D 132 -9.09 -31.54 -13.84
N PRO D 133 -9.31 -31.81 -12.56
CA PRO D 133 -9.33 -33.21 -12.08
C PRO D 133 -10.40 -34.02 -12.80
N GLY D 134 -9.97 -35.06 -13.48
CA GLY D 134 -10.90 -35.99 -14.09
C GLY D 134 -11.48 -35.53 -15.41
N TYR D 135 -10.96 -34.47 -16.01
CA TYR D 135 -11.34 -34.03 -17.35
C TYR D 135 -10.14 -34.14 -18.28
N PRO D 136 -10.36 -34.30 -19.59
CA PRO D 136 -9.23 -34.24 -20.51
C PRO D 136 -8.54 -32.89 -20.44
N ARG D 137 -7.22 -32.90 -20.60
CA ARG D 137 -6.50 -31.65 -20.72
C ARG D 137 -7.02 -30.86 -21.93
N GLY D 138 -7.20 -29.56 -21.76
CA GLY D 138 -7.76 -28.75 -22.82
C GLY D 138 -7.06 -27.40 -22.90
N GLN D 139 -7.50 -26.59 -23.85
CA GLN D 139 -7.07 -25.21 -24.01
C GLN D 139 -8.27 -24.31 -23.78
N TYR D 140 -8.13 -23.35 -22.87
CA TYR D 140 -9.25 -22.50 -22.47
C TYR D 140 -8.94 -21.06 -22.86
N ARG D 141 -9.87 -20.44 -23.57
CA ARG D 141 -9.82 -19.03 -23.94
C ARG D 141 -11.14 -18.38 -23.57
N ASN D 142 -11.08 -17.17 -23.01
CA ASN D 142 -12.34 -16.51 -22.70
C ASN D 142 -12.12 -15.01 -22.57
N HIS D 143 -13.24 -14.28 -22.60
CA HIS D 143 -13.31 -12.87 -22.31
C HIS D 143 -13.67 -12.69 -20.84
N PHE D 144 -13.08 -11.66 -20.19
CA PHE D 144 -13.28 -11.45 -18.77
C PHE D 144 -13.51 -9.98 -18.45
N LEU D 145 -14.28 -9.75 -17.38
CA LEU D 145 -14.38 -8.45 -16.72
C LEU D 145 -13.97 -8.68 -15.26
N HIS D 146 -13.11 -7.79 -14.73
CA HIS D 146 -12.70 -7.86 -13.35
C HIS D 146 -13.11 -6.58 -12.62
N SER D 147 -13.56 -6.73 -11.38
CA SER D 147 -13.82 -5.62 -10.48
C SER D 147 -12.76 -5.63 -9.38
N PHE D 148 -12.13 -4.48 -9.09
CA PHE D 148 -11.10 -4.38 -8.02
C PHE D 148 -11.53 -3.24 -7.09
N ARG D 149 -11.82 -3.55 -5.83
CA ARG D 149 -12.07 -2.53 -4.82
C ARG D 149 -10.92 -2.51 -3.81
N PHE D 150 -10.43 -1.31 -3.49
CA PHE D 150 -9.26 -1.10 -2.65
C PHE D 150 -9.63 -0.59 -1.27
N GLU D 151 -8.77 -0.88 -0.31
CA GLU D 151 -8.83 -0.28 1.02
C GLU D 151 -7.40 -0.13 1.52
N ASN D 152 -7.03 1.12 1.83
CA ASN D 152 -5.73 1.46 2.38
C ASN D 152 -4.58 0.87 1.55
N GLY D 153 -4.67 1.02 0.25
CA GLY D 153 -3.56 0.74 -0.63
C GLY D 153 -3.46 -0.70 -1.11
N LEU D 154 -4.39 -1.56 -0.74
CA LEU D 154 -4.41 -2.95 -1.17
C LEU D 154 -5.82 -3.36 -1.60
N ILE D 155 -5.89 -4.50 -2.32
CA ILE D 155 -7.16 -5.00 -2.82
C ILE D 155 -7.97 -5.61 -1.68
N LYS D 156 -9.17 -5.07 -1.46
CA LYS D 156 -10.16 -5.59 -0.51
C LYS D 156 -11.07 -6.63 -1.16
N GLU D 157 -11.41 -6.45 -2.42
CA GLU D 157 -12.33 -7.36 -3.09
C GLU D 157 -11.99 -7.39 -4.58
N GLN D 158 -11.64 -8.56 -5.10
CA GLN D 158 -11.51 -8.79 -6.53
C GLN D 158 -12.61 -9.76 -6.96
N ARG D 159 -13.30 -9.42 -8.03
CA ARG D 159 -14.31 -10.32 -8.63
C ARG D 159 -14.08 -10.46 -10.11
N GLU D 160 -14.19 -11.68 -10.60
CA GLU D 160 -14.06 -12.03 -12.01
C GLU D 160 -15.39 -12.46 -12.60
N PHE D 161 -15.70 -11.96 -13.82
CA PHE D 161 -16.96 -12.26 -14.51
C PHE D 161 -16.67 -12.75 -15.92
N MET D 162 -17.25 -13.89 -16.28
CA MET D 162 -17.05 -14.44 -17.61
C MET D 162 -18.29 -15.22 -18.02
N ASN D 163 -18.27 -15.73 -19.25
CA ASN D 163 -19.30 -16.65 -19.73
C ASN D 163 -18.89 -18.09 -19.46
N PRO D 164 -19.51 -18.79 -18.51
CA PRO D 164 -19.03 -20.15 -18.18
C PRO D 164 -19.17 -21.13 -19.34
N CYS D 165 -20.01 -20.83 -20.32
CA CYS D 165 -20.16 -21.74 -21.45
C CYS D 165 -18.84 -22.00 -22.15
N GLU D 166 -17.93 -21.02 -22.20
CA GLU D 166 -16.63 -21.27 -22.83
C GLU D 166 -15.76 -22.19 -21.99
N GLN D 167 -15.89 -22.12 -20.67
CA GLN D 167 -15.14 -23.05 -19.84
C GLN D 167 -15.71 -24.45 -19.98
N PHE D 168 -17.04 -24.58 -20.04
CA PHE D 168 -17.64 -25.90 -20.34
C PHE D 168 -17.04 -26.49 -21.64
N ARG D 169 -16.99 -25.67 -22.70
CA ARG D 169 -16.44 -26.16 -23.96
C ARG D 169 -14.97 -26.61 -23.81
N SER D 170 -14.19 -25.87 -23.08
CA SER D 170 -12.79 -26.25 -22.91
C SER D 170 -12.65 -27.59 -22.17
N LEU D 171 -13.61 -27.94 -21.34
CA LEU D 171 -13.61 -29.19 -20.59
C LEU D 171 -14.29 -30.35 -21.31
N GLY D 172 -14.83 -30.15 -22.52
CA GLY D 172 -15.56 -31.17 -23.22
C GLY D 172 -16.99 -31.36 -22.78
N ILE D 173 -17.51 -30.44 -21.99
CA ILE D 173 -18.87 -30.51 -21.45
C ILE D 173 -19.83 -29.91 -22.46
N GLU D 174 -20.93 -30.62 -22.74
CA GLU D 174 -21.92 -30.14 -23.69
C GLU D 174 -22.62 -28.88 -23.17
N VAL D 175 -22.72 -27.86 -24.03
CA VAL D 175 -23.39 -26.60 -23.71
C VAL D 175 -24.79 -26.67 -24.29
N PRO D 176 -25.83 -26.43 -23.50
CA PRO D 176 -27.17 -26.48 -24.09
C PRO D 176 -27.33 -25.32 -25.05
N GLU D 177 -28.28 -25.49 -25.94
CA GLU D 177 -28.64 -24.48 -26.94
C GLU D 177 -30.08 -24.05 -26.75
N VAL D 178 -30.29 -22.75 -26.59
CA VAL D 178 -31.64 -22.18 -26.65
C VAL D 178 -32.17 -22.32 -28.07
N ARG D 179 -33.37 -22.89 -28.18
CA ARG D 179 -34.03 -23.04 -29.48
C ARG D 179 -34.34 -21.66 -30.05
N ARG D 180 -33.81 -21.39 -31.24
N ARG D 180 -33.81 -21.38 -31.24
CA ARG D 180 -33.92 -20.06 -31.83
CA ARG D 180 -33.94 -20.06 -31.83
C ARG D 180 -34.94 -20.00 -32.96
C ARG D 180 -35.00 -20.00 -32.93
N ASP D 181 -35.67 -21.09 -33.20
N ASP D 181 -35.70 -21.05 -33.14
CA ASP D 181 -36.60 -21.17 -34.32
CA ASP D 181 -36.44 -20.92 -34.38
C ASP D 181 -37.63 -20.04 -34.28
C ASP D 181 -37.54 -19.86 -34.28
N GLY D 182 -38.17 -19.74 -33.12
CA GLY D 182 -39.20 -18.74 -33.00
C GLY D 182 -38.75 -17.33 -32.72
N LEU D 183 -37.42 -17.09 -32.64
CA LEU D 183 -36.81 -15.81 -32.34
C LEU D 183 -36.55 -15.03 -33.63
N PRO D 184 -36.56 -13.70 -33.57
CA PRO D 184 -36.25 -12.91 -34.78
C PRO D 184 -34.87 -13.28 -35.34
N SER D 185 -34.82 -13.44 -36.65
CA SER D 185 -33.62 -13.86 -37.36
C SER D 185 -32.92 -12.62 -37.90
O1 MES E . 7.13 7.22 12.10
C2 MES E . 6.71 7.62 10.79
C3 MES E . 5.33 8.27 10.89
N4 MES E . 5.55 9.51 11.63
C5 MES E . 6.43 9.40 12.79
C6 MES E . 6.54 7.94 13.18
C7 MES E . 4.40 10.32 12.01
C8 MES E . 3.67 10.83 10.78
S MES E . 3.58 12.50 10.82
O1S MES E . 4.87 13.02 11.30
O2S MES E . 2.56 13.03 11.74
O3S MES E . 3.42 12.96 9.44
H21 MES E . 7.42 8.34 10.38
H22 MES E . 6.67 6.76 10.14
H31 MES E . 4.63 7.63 11.43
H32 MES E . 4.93 8.47 9.90
HN4 MES E . 6.06 10.08 10.98
H51 MES E . 7.41 9.82 12.56
H52 MES E . 6.03 9.94 13.64
H61 MES E . 7.15 7.85 14.06
H62 MES E . 5.55 7.53 13.41
H71 MES E . 3.71 9.72 12.61
H72 MES E . 4.72 11.17 12.62
H81 MES E . 4.21 10.53 9.88
H82 MES E . 2.67 10.41 10.74
C1 EDO F . 25.12 28.38 20.79
O1 EDO F . 26.22 27.63 21.29
C2 EDO F . 23.82 27.91 21.43
O2 EDO F . 22.71 28.71 20.99
H11 EDO F . 25.06 28.28 19.71
H12 EDO F . 25.27 29.45 21.01
HO1 EDO F . 27.05 27.94 20.88
H21 EDO F . 23.65 26.86 21.16
H22 EDO F . 23.90 27.97 22.52
HO2 EDO F . 21.90 28.39 21.40
C1 A1IAN G . 10.16 0.05 7.20
O1 A1IAN G . 5.51 5.77 1.40
S1 A1IAN G . 8.74 1.30 5.10
C2 A1IAN G . 10.56 0.06 8.52
O2 A1IAN G . 7.00 4.23 8.58
C3 A1IAN G . 10.19 1.09 9.37
C4 A1IAN G . 9.37 2.10 8.91
C5 A1IAN G . 8.96 2.15 7.56
C6 A1IAN G . 9.34 1.09 6.73
C7 A1IAN G . 8.17 3.14 6.86
C8 A1IAN G . 7.99 2.81 5.53
C9 A1IAN G . 7.31 3.58 4.44
C10 A1IAN G . 7.87 3.62 3.17
C11 A1IAN G . 7.26 4.34 2.15
C12 A1IAN G . 6.09 5.04 2.40
C13 A1IAN G . 5.53 5.00 3.68
C14 A1IAN G . 6.13 4.27 4.67
C15 A1IAN G . 7.64 4.35 7.53
C16 A1IAN G . 7.90 5.70 6.96
C17 A1IAN G . 7.16 6.78 7.44
C18 A1IAN G . 7.41 8.06 6.99
C19 A1IAN G . 8.40 8.27 6.05
C20 A1IAN G . 9.15 7.22 5.58
C21 A1IAN G . 8.89 5.94 6.02
CL1 A1IAN G . 8.63 9.86 5.40
H1 A1IAN G . 10.43 -0.66 6.60
H9 A1IAN G . 5.98 5.69 0.69
H2 A1IAN G . 11.13 -0.68 8.86
H3 A1IAN G . 10.50 1.11 10.30
H4 A1IAN G . 9.14 2.76 9.60
H5 A1IAN G . 8.70 3.18 2.87
H6 A1IAN G . 7.67 4.35 1.26
H7 A1IAN G . 4.71 5.49 3.87
H8 A1IAN G . 5.67 4.28 5.53
H10 A1IAN G . 6.43 6.71 8.09
H11 A1IAN G . 6.88 8.81 7.33
H12 A1IAN G . 9.86 7.36 4.93
H13 A1IAN G . 9.44 5.23 5.64
O1 MES H . 28.27 -0.54 19.18
C2 MES H . 29.17 0.49 18.81
C3 MES H . 30.58 0.09 19.21
N4 MES H . 30.58 -0.01 20.66
C5 MES H . 29.55 -0.88 21.22
C6 MES H . 28.20 -0.54 20.60
C7 MES H . 31.91 -0.23 21.20
C8 MES H . 32.58 1.12 21.33
S MES H . 34.15 0.93 21.86
O1S MES H . 34.17 0.61 23.31
O2S MES H . 34.86 2.18 21.51
O3S MES H . 34.80 -0.15 21.10
H21 MES H . 28.90 1.43 19.29
H22 MES H . 29.13 0.63 17.73
H31 MES H . 30.86 -0.85 18.76
H32 MES H . 31.28 0.86 18.89
HN4 MES H . 30.33 0.92 20.98
H51 MES H . 29.51 -0.74 22.31
H52 MES H . 29.80 -1.91 21.03
H61 MES H . 27.47 -1.28 20.92
H62 MES H . 27.86 0.42 20.97
H71 MES H . 32.49 -0.88 20.53
H72 MES H . 31.84 -0.73 22.17
H81 MES H . 32.03 1.73 22.05
H82 MES H . 32.58 1.64 20.38
C1 A1IAN I . 21.45 -6.51 21.10
O1 A1IAN I . 27.56 -7.00 28.13
S1 A1IAN I . 23.05 -7.15 23.31
C2 A1IAN I . 21.20 -5.71 20.00
O2 A1IAN I . 26.38 -4.29 21.22
C3 A1IAN I . 22.09 -4.71 19.66
C4 A1IAN I . 23.24 -4.51 20.42
C5 A1IAN I . 23.53 -5.31 21.51
C6 A1IAN I . 22.60 -6.32 21.86
C7 A1IAN I . 24.61 -5.26 22.46
C8 A1IAN I . 24.50 -6.18 23.48
C9 A1IAN I . 25.31 -6.36 24.70
C10 A1IAN I . 26.70 -6.30 24.65
C11 A1IAN I . 27.46 -6.55 25.79
C12 A1IAN I . 26.84 -6.84 26.99
C13 A1IAN I . 25.45 -6.89 27.05
C14 A1IAN I . 24.71 -6.63 25.93
C15 A1IAN I . 25.77 -4.33 22.29
C16 A1IAN I . 26.17 -3.43 23.40
C17 A1IAN I . 25.29 -3.12 24.43
C18 A1IAN I . 25.66 -2.22 25.42
C19 A1IAN I . 26.91 -1.65 25.38
C20 A1IAN I . 27.79 -1.94 24.37
C21 A1IAN I . 27.42 -2.84 23.39
CL1 A1IAN I . 27.39 -0.55 26.64
H1 A1IAN I . 20.81 -7.22 21.34
H9 A1IAN I . 28.39 -6.89 27.95
H2 A1IAN I . 20.39 -5.84 19.47
H3 A1IAN I . 21.92 -4.15 18.87
H4 A1IAN I . 23.77 -3.76 20.10
H5 A1IAN I . 27.24 -6.10 23.87
H6 A1IAN I . 28.43 -6.53 25.73
H7 A1IAN I . 24.99 -7.10 27.89
H8 A1IAN I . 23.74 -6.66 26.06
H10 A1IAN I . 24.39 -3.49 24.54
H11 A1IAN I . 25.03 -2.00 26.14
H12 A1IAN I . 28.68 -1.51 24.33
H13 A1IAN I . 28.09 -3.04 22.70
O1 MES J . -31.15 -9.65 -21.35
C2 MES J . -32.01 -9.40 -20.26
C3 MES J . -33.18 -8.48 -20.60
N4 MES J . -33.09 -8.04 -21.98
C5 MES J . -32.78 -9.03 -23.00
C6 MES J . -31.84 -10.11 -22.50
C7 MES J . -34.25 -7.21 -22.32
C8 MES J . -34.08 -5.78 -21.83
S MES J . -35.35 -4.87 -22.39
O1S MES J . -35.36 -3.61 -21.58
O2S MES J . -36.64 -5.57 -22.18
O3S MES J . -35.09 -4.65 -23.83
H21 MES J . -31.42 -8.92 -19.47
H22 MES J . -32.39 -10.33 -19.85
H31 MES J . -34.12 -9.00 -20.44
H32 MES J . -33.15 -7.61 -19.94
HN4 MES J . -32.30 -7.41 -22.01
H51 MES J . -32.33 -8.53 -23.86
H52 MES J . -33.71 -9.48 -23.36
H61 MES J . -32.41 -11.00 -22.25
H62 MES J . -31.13 -10.38 -23.28
H71 MES J . -34.38 -7.21 -23.41
H72 MES J . -35.15 -7.64 -21.88
H81 MES J . -34.06 -5.76 -20.74
H82 MES J . -33.13 -5.36 -22.19
C1 EDO K . -13.42 9.76 -13.73
O1 EDO K . -14.44 10.62 -13.21
C2 EDO K . -12.08 10.04 -13.06
O2 EDO K . -11.06 9.16 -13.56
H11 EDO K . -13.33 9.90 -14.81
H12 EDO K . -13.69 8.71 -13.56
HO1 EDO K . -15.28 10.41 -13.65
H21 EDO K . -12.17 9.92 -11.98
H22 EDO K . -11.79 11.07 -13.26
HO2 EDO K . -10.22 9.36 -13.12
C1 EDO L . -14.65 -2.66 -28.09
O1 EDO L . -15.65 -1.79 -27.55
C2 EDO L . -13.35 -2.61 -27.27
O2 EDO L . -13.49 -3.38 -26.06
H11 EDO L . -14.43 -2.37 -29.12
H12 EDO L . -15.03 -3.68 -28.10
HO1 EDO L . -16.45 -1.85 -28.09
H21 EDO L . -12.53 -3.01 -27.86
H22 EDO L . -13.13 -1.57 -27.01
HO2 EDO L . -12.61 -3.64 -25.75
C1 A1IAN M . -29.22 -17.74 -26.02
O1 A1IAN M . -33.84 -12.09 -31.86
S1 A1IAN M . -30.64 -16.49 -28.10
C2 A1IAN M . -28.68 -17.70 -24.74
O2 A1IAN M . -32.00 -13.35 -24.64
C3 A1IAN M . -28.88 -16.58 -23.94
C4 A1IAN M . -29.62 -15.51 -24.42
C5 A1IAN M . -30.20 -15.55 -25.70
C6 A1IAN M . -29.95 -16.66 -26.50
C7 A1IAN M . -30.99 -14.55 -26.40
C8 A1IAN M . -31.28 -14.92 -27.69
C9 A1IAN M . -31.95 -14.17 -28.79
C10 A1IAN M . -33.09 -13.42 -28.54
C11 A1IAN M . -33.74 -12.73 -29.55
C12 A1IAN M . -33.24 -12.80 -30.85
C13 A1IAN M . -32.12 -13.56 -31.13
C14 A1IAN M . -31.48 -14.23 -30.10
C15 A1IAN M . -31.44 -13.30 -25.74
C16 A1IAN M . -31.12 -11.98 -26.35
C17 A1IAN M . -30.18 -11.84 -27.38
C18 A1IAN M . -29.91 -10.60 -27.91
C19 A1IAN M . -30.59 -9.50 -27.45
C20 A1IAN M . -31.52 -9.61 -26.45
C21 A1IAN M . -31.79 -10.85 -25.90
CL1 A1IAN M . -30.24 -7.92 -28.11
H1 A1IAN M . -29.08 -18.54 -26.58
H9 A1IAN M . -34.50 -11.66 -31.54
H2 A1IAN M . -28.16 -18.45 -24.40
H3 A1IAN M . -28.51 -16.55 -23.04
H4 A1IAN M . -29.68 -14.77 -23.79
H5 A1IAN M . -33.53 -13.29 -27.66
H6 A1IAN M . -34.53 -12.20 -29.35
H7 A1IAN M . -31.76 -13.64 -32.03
H8 A1IAN M . -30.68 -14.73 -30.36
H10 A1IAN M . -29.65 -12.57 -27.76
H11 A1IAN M . -29.24 -10.51 -28.62
H12 A1IAN M . -32.03 -8.84 -26.12
H13 A1IAN M . -32.44 -10.89 -25.18
O1 MES N . -10.60 -18.91 -14.89
C2 MES N . -9.70 -17.91 -15.34
C3 MES N . -8.29 -18.24 -14.87
N4 MES N . -8.29 -18.35 -13.42
C5 MES N . -9.31 -19.20 -12.81
C6 MES N . -10.66 -18.91 -13.47
C7 MES N . -6.94 -18.55 -12.90
C8 MES N . -6.21 -17.23 -12.77
S MES N . -4.66 -17.46 -12.25
O1S MES N . -3.82 -16.36 -12.79
O2S MES N . -4.09 -18.72 -12.77
O3S MES N . -4.72 -17.52 -10.76
H21 MES N . -9.99 -16.93 -14.95
H22 MES N . -9.73 -17.86 -16.43
H31 MES N . -7.62 -17.44 -15.18
H32 MES N . -7.95 -19.16 -15.33
HN4 MES N . -8.54 -17.43 -13.11
H51 MES N . -9.05 -20.24 -12.96
H52 MES N . -9.36 -19.01 -11.74
H61 MES N . -11.01 -17.93 -13.12
H62 MES N . -11.39 -19.65 -13.14
H71 MES N . -6.39 -19.21 -13.58
H72 MES N . -6.99 -19.05 -11.93
H81 MES N . -6.20 -16.71 -13.73
H82 MES N . -6.75 -16.58 -12.06
C1 A1IAN O . -17.67 -24.36 -12.44
O1 A1IAN O . -11.40 -24.93 -5.55
S1 A1IAN O . -16.08 -25.01 -10.23
C2 A1IAN O . -17.89 -23.56 -13.55
O2 A1IAN O . -12.67 -22.43 -12.55
C3 A1IAN O . -16.94 -22.64 -13.94
C4 A1IAN O . -15.78 -22.48 -13.21
C5 A1IAN O . -15.51 -23.28 -12.10
C6 A1IAN O . -16.50 -24.21 -11.72
C7 A1IAN O . -14.42 -23.25 -11.18
C8 A1IAN O . -14.59 -24.12 -10.12
C9 A1IAN O . -13.74 -24.37 -8.93
C10 A1IAN O . -14.32 -24.67 -7.70
C11 A1IAN O . -13.56 -24.83 -6.58
C12 A1IAN O . -12.17 -24.73 -6.65
C13 A1IAN O . -11.57 -24.45 -7.88
C14 A1IAN O . -12.37 -24.27 -9.00
C15 A1IAN O . -13.23 -22.39 -11.44
C16 A1IAN O . -12.74 -21.44 -10.43
C17 A1IAN O . -11.47 -20.90 -10.53
C18 A1IAN O . -11.00 -20.01 -9.56
C19 A1IAN O . -11.82 -19.68 -8.50
C20 A1IAN O . -13.08 -20.21 -8.38
C21 A1IAN O . -13.54 -21.08 -9.35
CL1 A1IAN O . -11.25 -18.55 -7.31
H1 A1IAN O . -18.35 -25.01 -12.16
H9 A1IAN O . -11.92 -25.10 -4.89
H2 A1IAN O . -18.72 -23.66 -14.06
H3 A1IAN O . -17.10 -22.08 -14.73
H4 A1IAN O . -15.19 -21.78 -13.56
H5 A1IAN O . -15.28 -24.78 -7.52
H6 A1IAN O . -13.98 -25.02 -5.71
H7 A1IAN O . -10.60 -24.37 -7.97
H8 A1IAN O . -11.87 -24.06 -9.82
H10 A1IAN O . -10.83 -21.08 -11.24
H11 A1IAN O . -10.10 -19.63 -9.64
H12 A1IAN O . -13.66 -19.97 -7.63
H13 A1IAN O . -14.45 -21.42 -9.23
C ACT P . -5.18 -2.71 4.53
O ACT P . -4.55 -2.38 3.45
OXT ACT P . -4.76 -3.33 5.57
CH3 ACT P . -6.67 -2.28 4.60
H1 ACT P . -7.15 -2.91 5.17
H2 ACT P . -6.74 -1.41 5.02
H3 ACT P . -7.08 -2.26 3.72
#